data_1WCG
#
_entry.id   1WCG
#
_cell.length_a   73.853
_cell.length_b   67.365
_cell.length_c   97.301
_cell.angle_alpha   90.00
_cell.angle_beta   93.70
_cell.angle_gamma   90.00
#
_symmetry.space_group_name_H-M   'P 1 21 1'
#
loop_
_entity.id
_entity.type
_entity.pdbx_description
1 polymer THIOGLUCOSIDASE
2 non-polymer GLYCEROL
3 water water
#
_entity_poly.entity_id   1
_entity_poly.type   'polypeptide(L)'
_entity_poly.pdbx_seq_one_letter_code
;MDYKFPKDFMFGTSTASYQIEGGWNEDGKGENIWDRLVHTSPEVIKDGTNGDIACDSYHKYKEDVAIIKDLNLKFYRFSI
SWARIAPSGVMNSLEPKGIAYYNNLINELIKNDIIPLVTMYHWDLPQYLQDLGGWVNPIMSDYFKEYARVLFTYFGDRVK
WWITFNEPIAVCKGYSIKAYAPNLNLKTTGHYLAGHTQLIAHGKAYRLYEEMFKPTQNGKISISISGVFFMPKNAESDDD
IETAERANQFERGWFGHPVYKGDYPPIMKKWVDQKSKEEGLPWSKLPKFTKDEIKLLKGTADFYALNHYSSRLVTFGSDP
NPNFNPDASYVTSVDEAWLKPNETPYIIPVPEGLRKLLIWLKNEYGNPQLLITENGYGDDGQLDDFEKISYLKNYLNATL
QAMYEDKCNVIGYTVWSLLDNFEWFYGYSIHFGLVKIDFNDPQRTRTKRESYTYFKNVVSTGKP
;
_entity_poly.pdbx_strand_id   A,B
#
loop_
_chem_comp.id
_chem_comp.type
_chem_comp.name
_chem_comp.formula
GOL non-polymer GLYCEROL 'C3 H8 O3'
#
# COMPACT_ATOMS: atom_id res chain seq x y z
N TYR A 3 -7.45 -3.72 50.85
CA TYR A 3 -8.47 -3.15 49.91
C TYR A 3 -9.24 -4.27 49.20
N LYS A 4 -10.47 -3.95 48.78
CA LYS A 4 -11.22 -4.84 47.88
C LYS A 4 -11.96 -4.06 46.80
N PHE A 5 -12.22 -4.74 45.70
CA PHE A 5 -12.94 -4.12 44.59
C PHE A 5 -14.40 -3.92 44.98
N PRO A 6 -14.98 -2.78 44.59
CA PRO A 6 -16.36 -2.48 44.95
C PRO A 6 -17.35 -3.37 44.21
N LYS A 7 -18.58 -3.42 44.72
CA LYS A 7 -19.62 -4.28 44.16
C LYS A 7 -19.86 -4.05 42.67
N ASP A 8 -19.79 -2.79 42.25
CA ASP A 8 -20.07 -2.44 40.85
C ASP A 8 -18.85 -2.53 39.91
N PHE A 9 -17.72 -3.02 40.42
CA PHE A 9 -16.53 -3.19 39.59
C PHE A 9 -16.78 -4.25 38.52
N MET A 10 -16.31 -4.00 37.31
CA MET A 10 -16.55 -4.90 36.18
C MET A 10 -15.36 -5.83 35.96
N PHE A 11 -15.53 -7.13 36.21
CA PHE A 11 -14.51 -8.11 35.86
C PHE A 11 -14.86 -8.82 34.55
N GLY A 12 -13.85 -8.99 33.72
CA GLY A 12 -14.01 -9.69 32.46
C GLY A 12 -12.78 -10.45 32.05
N THR A 13 -12.86 -10.98 30.85
CA THR A 13 -11.74 -11.65 30.20
C THR A 13 -11.78 -11.35 28.72
N SER A 14 -10.65 -11.53 28.05
CA SER A 14 -10.55 -11.19 26.63
C SER A 14 -9.93 -12.30 25.82
N THR A 15 -10.38 -12.38 24.56
CA THR A 15 -9.73 -13.15 23.51
C THR A 15 -9.67 -12.24 22.27
N ALA A 16 -9.22 -12.80 21.15
CA ALA A 16 -9.21 -12.13 19.85
C ALA A 16 -9.50 -13.18 18.79
N SER A 17 -10.11 -12.75 17.69
CA SER A 17 -10.62 -13.64 16.67
C SER A 17 -9.57 -14.60 16.10
N TYR A 18 -8.47 -14.08 15.56
CA TYR A 18 -7.48 -14.96 14.95
C TYR A 18 -6.83 -15.87 16.00
N GLN A 19 -6.74 -15.39 17.22
CA GLN A 19 -6.03 -16.15 18.25
C GLN A 19 -6.80 -17.39 18.74
N ILE A 20 -8.13 -17.38 18.63
CA ILE A 20 -8.94 -18.50 19.13
C ILE A 20 -9.86 -19.19 18.14
N GLU A 21 -10.28 -18.53 17.07
CA GLU A 21 -11.44 -19.03 16.32
C GLU A 21 -11.21 -20.27 15.47
N GLY A 22 -10.10 -20.33 14.76
CA GLY A 22 -9.97 -21.29 13.68
C GLY A 22 -10.99 -21.00 12.59
N GLY A 23 -11.49 -22.03 11.93
CA GLY A 23 -12.46 -21.82 10.85
C GLY A 23 -11.99 -20.80 9.83
N TRP A 24 -10.69 -20.81 9.52
CA TRP A 24 -10.06 -19.70 8.81
C TRP A 24 -10.54 -19.55 7.37
N ASN A 25 -11.01 -20.64 6.77
CA ASN A 25 -11.50 -20.62 5.39
C ASN A 25 -12.91 -21.22 5.28
N GLU A 26 -13.68 -21.11 6.36
CA GLU A 26 -15.01 -21.68 6.45
C GLU A 26 -16.06 -20.60 6.19
N ASP A 27 -17.20 -21.02 5.63
CA ASP A 27 -18.39 -20.16 5.53
C ASP A 27 -18.15 -18.85 4.80
N GLY A 28 -17.31 -18.91 3.78
CA GLY A 28 -17.08 -17.76 2.92
C GLY A 28 -16.10 -16.72 3.46
N LYS A 29 -15.45 -17.01 4.59
CA LYS A 29 -14.53 -16.04 5.18
C LYS A 29 -13.38 -15.73 4.22
N GLY A 30 -13.08 -14.45 4.05
CA GLY A 30 -11.96 -14.04 3.21
C GLY A 30 -10.63 -14.21 3.90
N GLU A 31 -9.57 -14.25 3.09
CA GLU A 31 -8.20 -14.32 3.61
C GLU A 31 -7.85 -13.02 4.32
N ASN A 32 -7.22 -13.13 5.49
CA ASN A 32 -6.68 -11.95 6.16
C ASN A 32 -5.14 -11.99 6.19
N ILE A 33 -4.53 -10.94 6.71
CA ILE A 33 -3.07 -10.82 6.65
C ILE A 33 -2.38 -11.87 7.52
N TRP A 34 -3.05 -12.38 8.55
CA TRP A 34 -2.46 -13.45 9.36
C TRP A 34 -2.51 -14.80 8.64
N ASP A 35 -3.62 -15.10 7.99
CA ASP A 35 -3.68 -16.26 7.10
C ASP A 35 -2.54 -16.20 6.09
N ARG A 36 -2.38 -15.04 5.44
CA ARG A 36 -1.36 -14.87 4.43
C ARG A 36 0.03 -15.14 5.01
N LEU A 37 0.32 -14.55 6.16
CA LEU A 37 1.63 -14.70 6.78
C LEU A 37 1.92 -16.14 7.17
N VAL A 38 0.99 -16.78 7.89
CA VAL A 38 1.29 -18.14 8.36
C VAL A 38 1.33 -19.15 7.21
N HIS A 39 0.62 -18.88 6.12
CA HIS A 39 0.60 -19.83 5.00
C HIS A 39 1.75 -19.64 4.05
N THR A 40 2.24 -18.42 3.89
CA THR A 40 3.32 -18.17 2.92
C THR A 40 4.68 -17.89 3.53
N SER A 41 4.73 -17.48 4.80
CA SER A 41 6.00 -17.41 5.56
C SER A 41 5.85 -18.16 6.89
N PRO A 42 5.60 -19.47 6.84
CA PRO A 42 5.36 -20.23 8.06
C PRO A 42 6.53 -20.23 9.04
N GLU A 43 7.75 -20.04 8.53
CA GLU A 43 8.96 -20.00 9.35
C GLU A 43 9.03 -18.82 10.32
N VAL A 44 8.21 -17.81 10.08
CA VAL A 44 8.16 -16.63 10.95
C VAL A 44 7.55 -16.95 12.31
N ILE A 45 6.71 -17.99 12.37
CA ILE A 45 6.13 -18.41 13.65
C ILE A 45 7.13 -19.33 14.33
N LYS A 46 7.53 -18.96 15.54
CA LYS A 46 8.70 -19.56 16.19
C LYS A 46 8.55 -21.06 16.47
N ASP A 47 7.33 -21.53 16.70
CA ASP A 47 7.08 -22.95 16.94
C ASP A 47 6.45 -23.67 15.75
N GLY A 48 6.43 -23.00 14.59
CA GLY A 48 5.95 -23.61 13.36
C GLY A 48 4.45 -23.91 13.30
N THR A 49 3.65 -23.15 14.04
CA THR A 49 2.21 -23.36 14.09
C THR A 49 1.46 -22.25 13.36
N ASN A 50 0.14 -22.36 13.31
CA ASN A 50 -0.70 -21.36 12.67
C ASN A 50 -2.05 -21.30 13.38
N GLY A 51 -2.88 -20.35 12.96
CA GLY A 51 -4.22 -20.17 13.51
C GLY A 51 -5.33 -20.83 12.69
N ASP A 52 -5.00 -21.82 11.87
CA ASP A 52 -6.03 -22.44 11.03
C ASP A 52 -7.17 -23.00 11.86
N ILE A 53 -6.82 -23.60 13.00
CA ILE A 53 -7.79 -24.20 13.92
C ILE A 53 -7.80 -23.51 15.28
N ALA A 54 -6.61 -23.27 15.84
CA ALA A 54 -6.48 -22.57 17.13
C ALA A 54 -7.32 -23.28 18.19
N CYS A 55 -8.18 -22.56 18.91
CA CYS A 55 -9.04 -23.16 19.93
C CYS A 55 -10.35 -23.67 19.34
N ASP A 56 -10.51 -23.52 18.02
CA ASP A 56 -11.73 -23.93 17.33
C ASP A 56 -12.97 -23.26 17.92
N SER A 57 -12.82 -22.03 18.41
CA SER A 57 -13.95 -21.33 19.00
C SER A 57 -14.98 -20.89 17.94
N TYR A 58 -14.64 -20.94 16.66
CA TYR A 58 -15.65 -20.77 15.63
C TYR A 58 -16.76 -21.82 15.80
N HIS A 59 -16.39 -23.03 16.24
CA HIS A 59 -17.36 -24.09 16.50
C HIS A 59 -17.70 -24.25 17.99
N LYS A 60 -16.76 -23.93 18.87
CA LYS A 60 -16.90 -24.24 20.30
C LYS A 60 -17.32 -23.05 21.16
N TYR A 61 -17.81 -21.97 20.54
CA TYR A 61 -18.12 -20.75 21.28
C TYR A 61 -19.12 -20.93 22.44
N LYS A 62 -20.07 -21.86 22.32
CA LYS A 62 -21.02 -22.06 23.41
C LYS A 62 -20.32 -22.56 24.68
N GLU A 63 -19.29 -23.40 24.51
CA GLU A 63 -18.48 -23.85 25.62
C GLU A 63 -17.70 -22.69 26.23
N ASP A 64 -17.17 -21.79 25.40
CA ASP A 64 -16.49 -20.59 25.91
C ASP A 64 -17.44 -19.80 26.80
N VAL A 65 -18.68 -19.59 26.33
CA VAL A 65 -19.65 -18.83 27.09
C VAL A 65 -19.99 -19.52 28.41
N ALA A 66 -20.12 -20.85 28.38
CA ALA A 66 -20.39 -21.61 29.61
C ALA A 66 -19.30 -21.44 30.65
N ILE A 67 -18.05 -21.37 30.21
CA ILE A 67 -16.94 -21.15 31.13
C ILE A 67 -16.99 -19.72 31.70
N ILE A 68 -17.25 -18.74 30.86
CA ILE A 68 -17.41 -17.36 31.31
C ILE A 68 -18.52 -17.26 32.36
N LYS A 69 -19.63 -17.96 32.11
CA LYS A 69 -20.74 -17.98 33.05
C LYS A 69 -20.37 -18.63 34.38
C LYS A 69 -20.34 -18.61 34.38
N ASP A 70 -19.59 -19.72 34.32
CA ASP A 70 -19.10 -20.37 35.54
C ASP A 70 -18.21 -19.42 36.36
N LEU A 71 -17.39 -18.64 35.67
CA LEU A 71 -16.57 -17.61 36.34
C LEU A 71 -17.40 -16.46 36.89
N ASN A 72 -18.62 -16.31 36.39
CA ASN A 72 -19.53 -15.23 36.77
C ASN A 72 -18.97 -13.85 36.41
N LEU A 73 -18.32 -13.76 35.26
CA LEU A 73 -17.79 -12.49 34.79
C LEU A 73 -18.91 -11.55 34.36
N LYS A 74 -18.67 -10.25 34.50
CA LYS A 74 -19.62 -9.25 34.05
C LYS A 74 -19.62 -9.10 32.53
N PHE A 75 -18.46 -9.25 31.89
CA PHE A 75 -18.34 -9.04 30.45
C PHE A 75 -17.31 -9.96 29.82
N TYR A 76 -17.43 -10.11 28.50
CA TYR A 76 -16.47 -10.84 27.69
C TYR A 76 -16.05 -9.94 26.56
N ARG A 77 -14.74 -9.69 26.47
CA ARG A 77 -14.15 -8.95 25.36
C ARG A 77 -13.70 -9.94 24.31
N PHE A 78 -14.26 -9.80 23.11
CA PHE A 78 -13.87 -10.62 21.97
C PHE A 78 -13.79 -9.71 20.76
N SER A 79 -13.11 -10.16 19.72
CA SER A 79 -13.04 -9.37 18.49
C SER A 79 -13.79 -9.99 17.35
N ILE A 80 -14.14 -9.15 16.38
CA ILE A 80 -14.81 -9.57 15.17
C ILE A 80 -13.82 -9.59 14.02
N SER A 81 -13.83 -10.69 13.28
CA SER A 81 -13.01 -10.85 12.09
C SER A 81 -13.66 -10.13 10.91
N TRP A 82 -13.02 -9.05 10.48
CA TRP A 82 -13.54 -8.24 9.38
C TRP A 82 -13.84 -9.08 8.14
N ALA A 83 -12.92 -9.99 7.79
CA ALA A 83 -13.06 -10.81 6.58
C ALA A 83 -14.16 -11.89 6.68
N ARG A 84 -14.66 -12.17 7.88
CA ARG A 84 -15.86 -13.02 8.01
C ARG A 84 -17.12 -12.27 7.60
N ILE A 85 -17.13 -10.96 7.86
CA ILE A 85 -18.28 -10.10 7.57
C ILE A 85 -18.29 -9.71 6.10
C ILE A 85 -18.29 -9.71 6.10
N ALA A 86 -17.11 -9.31 5.60
CA ALA A 86 -16.95 -8.83 4.23
C ALA A 86 -15.61 -9.39 3.74
N PRO A 87 -15.63 -10.48 2.96
CA PRO A 87 -14.38 -11.16 2.61
C PRO A 87 -13.26 -10.29 2.01
N SER A 88 -13.61 -9.26 1.24
CA SER A 88 -12.62 -8.36 0.65
C SER A 88 -12.27 -7.18 1.57
N GLY A 89 -13.05 -7.01 2.63
CA GLY A 89 -12.95 -5.82 3.46
C GLY A 89 -13.82 -4.67 2.98
N VAL A 90 -14.36 -4.79 1.76
CA VAL A 90 -15.24 -3.78 1.18
C VAL A 90 -16.67 -4.24 1.44
N MET A 91 -17.50 -3.35 1.97
CA MET A 91 -18.74 -3.77 2.62
C MET A 91 -19.93 -3.92 1.67
N ASN A 92 -19.69 -3.86 0.37
CA ASN A 92 -20.77 -4.10 -0.60
C ASN A 92 -21.10 -5.58 -0.78
N SER A 93 -20.22 -6.46 -0.30
CA SER A 93 -20.43 -7.89 -0.35
C SER A 93 -20.28 -8.47 1.05
C SER A 93 -20.28 -8.47 1.05
N LEU A 94 -21.41 -8.72 1.70
CA LEU A 94 -21.44 -9.24 3.05
C LEU A 94 -21.69 -10.73 3.04
N GLU A 95 -21.14 -11.43 4.03
CA GLU A 95 -21.33 -12.85 4.17
C GLU A 95 -22.25 -13.11 5.36
N PRO A 96 -23.51 -13.48 5.10
CA PRO A 96 -24.46 -13.71 6.19
C PRO A 96 -24.01 -14.75 7.22
N LYS A 97 -23.25 -15.75 6.81
CA LYS A 97 -22.79 -16.78 7.76
C LYS A 97 -21.83 -16.19 8.79
N GLY A 98 -21.02 -15.22 8.38
CA GLY A 98 -20.10 -14.55 9.30
C GLY A 98 -20.86 -13.68 10.28
N ILE A 99 -21.83 -12.93 9.78
CA ILE A 99 -22.70 -12.13 10.63
C ILE A 99 -23.44 -13.04 11.62
N ALA A 100 -23.90 -14.20 11.14
CA ALA A 100 -24.63 -15.14 11.99
C ALA A 100 -23.78 -15.67 13.15
N TYR A 101 -22.52 -15.96 12.89
CA TYR A 101 -21.62 -16.42 13.94
C TYR A 101 -21.59 -15.43 15.09
N TYR A 102 -21.34 -14.15 14.78
CA TYR A 102 -21.23 -13.16 15.85
C TYR A 102 -22.58 -12.88 16.50
N ASN A 103 -23.67 -12.90 15.73
CA ASN A 103 -24.99 -12.82 16.35
C ASN A 103 -25.21 -13.97 17.33
N ASN A 104 -24.81 -15.18 16.93
CA ASN A 104 -24.96 -16.34 17.80
C ASN A 104 -24.16 -16.19 19.09
N LEU A 105 -22.93 -15.71 18.98
CA LEU A 105 -22.09 -15.48 20.15
C LEU A 105 -22.68 -14.39 21.06
N ILE A 106 -23.04 -13.27 20.46
CA ILE A 106 -23.65 -12.16 21.21
C ILE A 106 -24.92 -12.64 21.93
N ASN A 107 -25.77 -13.35 21.22
CA ASN A 107 -27.03 -13.83 21.81
C ASN A 107 -26.78 -14.86 22.91
N GLU A 108 -25.77 -15.71 22.73
CA GLU A 108 -25.40 -16.67 23.76
C GLU A 108 -24.92 -15.95 25.03
N LEU A 109 -24.11 -14.91 24.87
CA LEU A 109 -23.66 -14.13 26.01
C LEU A 109 -24.83 -13.49 26.75
N ILE A 110 -25.71 -12.84 26.00
CA ILE A 110 -26.82 -12.11 26.61
C ILE A 110 -27.80 -13.04 27.32
N LYS A 111 -28.08 -14.20 26.74
CA LYS A 111 -28.99 -15.14 27.43
C LYS A 111 -28.37 -15.68 28.73
N ASN A 112 -27.04 -15.57 28.86
CA ASN A 112 -26.32 -15.92 30.09
C ASN A 112 -25.96 -14.69 30.94
N ASP A 113 -26.59 -13.55 30.65
CA ASP A 113 -26.40 -12.31 31.42
C ASP A 113 -24.95 -11.82 31.46
N ILE A 114 -24.24 -12.01 30.36
CA ILE A 114 -22.87 -11.51 30.19
C ILE A 114 -22.91 -10.37 29.17
N ILE A 115 -22.23 -9.27 29.48
CA ILE A 115 -22.15 -8.13 28.58
C ILE A 115 -21.12 -8.40 27.47
N PRO A 116 -21.50 -8.28 26.19
CA PRO A 116 -20.50 -8.34 25.12
C PRO A 116 -19.74 -7.02 25.00
N LEU A 117 -18.42 -7.11 24.98
CA LEU A 117 -17.55 -5.96 24.72
C LEU A 117 -16.78 -6.31 23.46
C LEU A 117 -16.78 -6.30 23.47
N VAL A 118 -17.06 -5.58 22.38
CA VAL A 118 -16.58 -5.97 21.07
C VAL A 118 -15.45 -5.12 20.57
N THR A 119 -14.35 -5.79 20.23
CA THR A 119 -13.22 -5.17 19.56
C THR A 119 -13.43 -5.30 18.05
N MET A 120 -13.50 -4.17 17.36
CA MET A 120 -13.74 -4.19 15.92
C MET A 120 -12.53 -4.69 15.16
N TYR A 121 -11.33 -4.24 15.57
CA TYR A 121 -10.10 -4.55 14.85
C TYR A 121 -9.02 -5.02 15.81
N HIS A 122 -8.77 -6.33 15.79
CA HIS A 122 -7.69 -6.94 16.56
C HIS A 122 -6.73 -7.65 15.59
N TRP A 123 -6.33 -6.90 14.57
CA TRP A 123 -5.11 -7.11 13.77
C TRP A 123 -5.29 -7.94 12.52
N ASP A 124 -6.51 -8.42 12.27
CA ASP A 124 -6.76 -9.33 11.15
C ASP A 124 -7.37 -8.61 9.94
N LEU A 125 -6.59 -7.70 9.37
CA LEU A 125 -7.01 -6.96 8.18
C LEU A 125 -7.28 -7.91 7.01
N PRO A 126 -8.39 -7.73 6.29
CA PRO A 126 -8.57 -8.48 5.04
C PRO A 126 -7.41 -8.26 4.07
N GLN A 127 -6.94 -9.33 3.46
CA GLN A 127 -5.78 -9.25 2.59
C GLN A 127 -5.99 -8.36 1.37
N TYR A 128 -7.21 -8.28 0.85
CA TYR A 128 -7.49 -7.36 -0.27
C TYR A 128 -7.12 -5.93 0.12
N LEU A 129 -7.50 -5.53 1.33
CA LEU A 129 -7.16 -4.19 1.82
C LEU A 129 -5.66 -4.02 2.05
N GLN A 130 -4.97 -5.08 2.47
CA GLN A 130 -3.52 -5.01 2.58
C GLN A 130 -2.87 -4.83 1.19
N ASP A 131 -3.45 -5.41 0.15
CA ASP A 131 -2.92 -5.23 -1.19
C ASP A 131 -3.01 -3.77 -1.67
N LEU A 132 -3.90 -2.97 -1.07
CA LEU A 132 -3.94 -1.52 -1.29
C LEU A 132 -2.86 -0.78 -0.50
N GLY A 133 -2.17 -1.48 0.38
CA GLY A 133 -1.20 -0.86 1.27
C GLY A 133 -1.61 -0.90 2.73
N GLY A 134 -2.84 -1.30 3.01
CA GLY A 134 -3.27 -1.42 4.40
C GLY A 134 -3.19 -0.09 5.13
N TRP A 135 -2.76 -0.16 6.39
CA TRP A 135 -2.86 1.01 7.27
C TRP A 135 -1.92 2.16 6.93
N VAL A 136 -0.89 1.93 6.11
CA VAL A 136 -0.05 3.05 5.68
C VAL A 136 -0.63 3.81 4.50
N ASN A 137 -1.76 3.33 3.95
CA ASN A 137 -2.50 4.04 2.91
C ASN A 137 -3.65 4.82 3.55
N PRO A 138 -3.65 6.15 3.48
CA PRO A 138 -4.70 6.94 4.14
C PRO A 138 -6.14 6.59 3.76
N ILE A 139 -6.36 5.98 2.60
CA ILE A 139 -7.72 5.61 2.22
C ILE A 139 -8.32 4.55 3.16
N MET A 140 -7.45 3.87 3.93
CA MET A 140 -7.91 2.79 4.79
C MET A 140 -8.87 3.28 5.88
N SER A 141 -8.79 4.55 6.28
CA SER A 141 -9.71 5.03 7.30
C SER A 141 -11.15 5.08 6.82
N ASP A 142 -11.37 5.34 5.54
CA ASP A 142 -12.73 5.29 4.98
C ASP A 142 -13.25 3.86 4.90
N TYR A 143 -12.37 2.90 4.54
CA TYR A 143 -12.77 1.50 4.58
C TYR A 143 -13.13 1.05 5.99
N PHE A 144 -12.36 1.50 6.99
CA PHE A 144 -12.70 1.17 8.37
C PHE A 144 -14.03 1.79 8.81
N LYS A 145 -14.27 3.04 8.43
CA LYS A 145 -15.53 3.71 8.75
C LYS A 145 -16.73 2.88 8.27
C LYS A 145 -16.73 2.89 8.27
N GLU A 146 -16.64 2.38 7.05
CA GLU A 146 -17.73 1.59 6.48
C GLU A 146 -17.88 0.23 7.18
N TYR A 147 -16.77 -0.37 7.58
CA TYR A 147 -16.80 -1.59 8.38
C TYR A 147 -17.52 -1.34 9.72
N ALA A 148 -17.12 -0.27 10.41
CA ALA A 148 -17.77 0.09 11.66
C ALA A 148 -19.27 0.30 11.47
N ARG A 149 -19.66 0.98 10.39
CA ARG A 149 -21.08 1.18 10.07
C ARG A 149 -21.84 -0.14 10.06
C ARG A 149 -21.85 -0.13 10.06
N VAL A 150 -21.27 -1.14 9.39
CA VAL A 150 -21.91 -2.45 9.31
C VAL A 150 -22.00 -3.11 10.70
N LEU A 151 -20.93 -3.02 11.49
CA LEU A 151 -20.97 -3.59 12.84
C LEU A 151 -22.06 -2.94 13.68
N PHE A 152 -22.16 -1.61 13.64
CA PHE A 152 -23.21 -0.94 14.41
C PHE A 152 -24.59 -1.36 13.93
N THR A 153 -24.75 -1.47 12.61
CA THR A 153 -26.02 -1.81 12.00
C THR A 153 -26.53 -3.17 12.44
N TYR A 154 -25.66 -4.17 12.39
CA TYR A 154 -26.06 -5.54 12.66
C TYR A 154 -26.04 -5.91 14.14
N PHE A 155 -25.15 -5.30 14.92
CA PHE A 155 -24.91 -5.76 16.29
C PHE A 155 -25.20 -4.73 17.37
N GLY A 156 -25.32 -3.46 17.00
CA GLY A 156 -25.39 -2.37 17.97
C GLY A 156 -26.67 -2.26 18.78
N ASP A 157 -27.70 -2.98 18.34
CA ASP A 157 -28.93 -3.09 19.15
C ASP A 157 -28.67 -3.85 20.45
N ARG A 158 -27.66 -4.71 20.45
CA ARG A 158 -27.31 -5.52 21.62
C ARG A 158 -25.92 -5.19 22.20
N VAL A 159 -24.98 -4.79 21.35
CA VAL A 159 -23.63 -4.45 21.80
C VAL A 159 -23.59 -2.96 22.15
N LYS A 160 -23.24 -2.67 23.40
CA LYS A 160 -23.23 -1.31 23.94
C LYS A 160 -21.84 -0.85 24.40
N TRP A 161 -20.84 -1.72 24.23
CA TRP A 161 -19.46 -1.42 24.59
C TRP A 161 -18.57 -1.84 23.43
N TRP A 162 -17.84 -0.89 22.87
CA TRP A 162 -17.02 -1.11 21.69
C TRP A 162 -15.60 -0.63 21.89
N ILE A 163 -14.65 -1.36 21.31
CA ILE A 163 -13.29 -0.91 21.12
C ILE A 163 -13.05 -0.88 19.62
N THR A 164 -12.60 0.24 19.08
CA THR A 164 -12.30 0.30 17.64
C THR A 164 -11.05 -0.51 17.32
N PHE A 165 -9.92 -0.10 17.89
CA PHE A 165 -8.62 -0.70 17.64
C PHE A 165 -8.04 -1.27 18.91
N ASN A 166 -7.54 -2.50 18.80
CA ASN A 166 -6.69 -3.09 19.83
C ASN A 166 -5.23 -2.78 19.54
N GLU A 167 -4.56 -2.15 20.50
CA GLU A 167 -3.11 -1.93 20.44
C GLU A 167 -2.65 -1.36 19.09
N PRO A 168 -3.06 -0.14 18.78
CA PRO A 168 -2.59 0.47 17.53
C PRO A 168 -1.06 0.51 17.41
N ILE A 169 -0.32 0.60 18.52
CA ILE A 169 1.15 0.56 18.41
C ILE A 169 1.64 -0.76 17.80
N ALA A 170 1.00 -1.87 18.14
CA ALA A 170 1.39 -3.17 17.63
C ALA A 170 1.04 -3.30 16.15
N VAL A 171 -0.11 -2.74 15.76
CA VAL A 171 -0.47 -2.71 14.36
C VAL A 171 0.62 -1.97 13.57
N CYS A 172 1.06 -0.83 14.09
CA CYS A 172 2.14 -0.07 13.48
C CYS A 172 3.42 -0.88 13.33
N LYS A 173 3.79 -1.62 14.38
CA LYS A 173 5.00 -2.43 14.37
C LYS A 173 4.98 -3.54 13.31
N GLY A 174 3.79 -3.98 12.90
CA GLY A 174 3.68 -4.90 11.78
C GLY A 174 4.11 -4.32 10.44
N TYR A 175 4.01 -2.98 10.33
CA TYR A 175 4.46 -2.25 9.15
C TYR A 175 5.90 -1.78 9.24
N SER A 176 6.36 -1.49 10.46
CA SER A 176 7.62 -0.77 10.62
C SER A 176 8.83 -1.65 10.96
N ILE A 177 8.63 -2.70 11.75
CA ILE A 177 9.77 -3.46 12.30
C ILE A 177 9.61 -4.97 12.22
N LYS A 178 8.76 -5.45 11.30
CA LYS A 178 8.63 -6.89 11.05
C LYS A 178 8.27 -7.66 12.32
C LYS A 178 8.28 -7.66 12.33
N ALA A 179 7.40 -7.08 13.15
CA ALA A 179 7.06 -7.68 14.45
C ALA A 179 5.75 -8.47 14.44
N TYR A 180 4.92 -8.20 13.44
CA TYR A 180 3.58 -8.76 13.28
C TYR A 180 3.26 -8.74 11.79
N ALA A 181 2.19 -9.41 11.36
CA ALA A 181 1.67 -9.20 10.02
C ALA A 181 1.37 -7.70 9.83
N PRO A 182 1.55 -7.14 8.63
CA PRO A 182 1.96 -7.82 7.40
C PRO A 182 3.47 -8.01 7.21
N ASN A 183 4.24 -7.83 8.28
CA ASN A 183 5.66 -8.20 8.31
C ASN A 183 6.51 -7.37 7.35
N LEU A 184 6.32 -6.05 7.42
CA LEU A 184 7.08 -5.10 6.63
C LEU A 184 8.09 -4.37 7.50
N ASN A 185 9.04 -3.73 6.83
CA ASN A 185 10.18 -3.10 7.48
C ASN A 185 10.29 -1.63 7.05
N LEU A 186 9.18 -0.92 7.17
CA LEU A 186 9.10 0.47 6.70
C LEU A 186 9.74 1.48 7.66
N LYS A 187 10.17 1.02 8.83
CA LYS A 187 10.85 1.87 9.82
C LYS A 187 9.91 2.97 10.32
N THR A 188 10.48 4.02 10.90
CA THR A 188 9.64 5.05 11.55
C THR A 188 8.69 5.75 10.58
N THR A 189 9.10 5.93 9.32
CA THR A 189 8.19 6.50 8.32
C THR A 189 6.89 5.73 8.22
C THR A 189 6.88 5.73 8.24
N GLY A 190 6.98 4.41 8.09
CA GLY A 190 5.78 3.58 8.04
C GLY A 190 5.05 3.55 9.36
N HIS A 191 5.81 3.55 10.45
CA HIS A 191 5.27 3.54 11.80
C HIS A 191 4.23 4.65 11.99
N TYR A 192 4.62 5.87 11.66
CA TYR A 192 3.74 7.01 11.87
C TYR A 192 2.60 7.06 10.86
N LEU A 193 2.84 6.61 9.63
CA LEU A 193 1.76 6.58 8.63
C LEU A 193 0.64 5.65 9.09
N ALA A 194 1.01 4.48 9.60
CA ALA A 194 0.02 3.53 10.09
C ALA A 194 -0.72 4.06 11.32
N GLY A 195 -0.01 4.75 12.20
CA GLY A 195 -0.65 5.31 13.38
C GLY A 195 -1.65 6.39 13.02
N HIS A 196 -1.27 7.25 12.08
CA HIS A 196 -2.10 8.36 11.65
C HIS A 196 -3.41 7.84 11.05
N THR A 197 -3.32 6.83 10.19
CA THR A 197 -4.50 6.29 9.54
C THR A 197 -5.43 5.60 10.54
N GLN A 198 -4.86 4.85 11.48
CA GLN A 198 -5.70 4.23 12.51
C GLN A 198 -6.41 5.29 13.35
N LEU A 199 -5.72 6.38 13.65
CA LEU A 199 -6.34 7.45 14.44
C LEU A 199 -7.50 8.10 13.69
N ILE A 200 -7.28 8.44 12.42
CA ILE A 200 -8.35 9.02 11.63
C ILE A 200 -9.50 8.02 11.51
C ILE A 200 -9.51 8.02 11.51
N ALA A 201 -9.20 6.74 11.33
CA ALA A 201 -10.21 5.68 11.28
C ALA A 201 -11.04 5.63 12.56
N HIS A 202 -10.36 5.69 13.70
CA HIS A 202 -11.01 5.72 14.99
C HIS A 202 -11.97 6.90 15.09
N GLY A 203 -11.47 8.08 14.76
CA GLY A 203 -12.30 9.29 14.84
C GLY A 203 -13.51 9.22 13.93
N LYS A 204 -13.30 8.73 12.71
CA LYS A 204 -14.40 8.60 11.76
C LYS A 204 -15.46 7.63 12.28
N ALA A 205 -15.03 6.52 12.86
CA ALA A 205 -15.97 5.55 13.41
C ALA A 205 -16.74 6.14 14.60
N TYR A 206 -16.05 6.84 15.49
CA TYR A 206 -16.70 7.44 16.65
C TYR A 206 -17.75 8.45 16.23
N ARG A 207 -17.39 9.33 15.31
CA ARG A 207 -18.29 10.38 14.86
C ARG A 207 -19.46 9.81 14.08
N LEU A 208 -19.22 8.76 13.29
CA LEU A 208 -20.30 8.04 12.61
C LEU A 208 -21.27 7.45 13.63
C LEU A 208 -21.27 7.45 13.63
N TYR A 209 -20.73 6.83 14.68
CA TYR A 209 -21.56 6.28 15.74
C TYR A 209 -22.44 7.37 16.37
N GLU A 210 -21.80 8.47 16.73
CA GLU A 210 -22.49 9.60 17.36
C GLU A 210 -23.67 10.10 16.53
C GLU A 210 -23.67 10.10 16.53
N GLU A 211 -23.45 10.21 15.23
CA GLU A 211 -24.45 10.78 14.32
C GLU A 211 -25.55 9.80 13.92
C GLU A 211 -25.56 9.78 14.01
N MET A 212 -25.19 8.54 13.72
CA MET A 212 -26.08 7.60 13.08
C MET A 212 -26.60 6.44 13.91
N PHE A 213 -25.98 6.17 15.06
CA PHE A 213 -26.34 4.99 15.85
C PHE A 213 -26.57 5.26 17.31
N LYS A 214 -25.69 6.06 17.92
CA LYS A 214 -25.82 6.41 19.34
C LYS A 214 -27.21 6.93 19.73
N PRO A 215 -27.88 7.76 18.92
CA PRO A 215 -29.20 8.26 19.32
C PRO A 215 -30.20 7.16 19.68
N THR A 216 -30.12 6.00 19.05
CA THR A 216 -31.01 4.89 19.38
C THR A 216 -30.32 3.75 20.13
N GLN A 217 -28.99 3.63 20.04
CA GLN A 217 -28.27 2.51 20.65
C GLN A 217 -27.66 2.81 22.01
N ASN A 218 -27.29 4.06 22.25
CA ASN A 218 -26.84 4.50 23.58
C ASN A 218 -25.65 3.73 24.15
N GLY A 219 -24.66 3.44 23.30
CA GLY A 219 -23.47 2.72 23.72
C GLY A 219 -22.26 3.61 23.92
N LYS A 220 -21.13 2.95 24.19
CA LYS A 220 -19.86 3.58 24.51
C LYS A 220 -18.76 3.02 23.62
N ILE A 221 -17.81 3.88 23.25
CA ILE A 221 -16.67 3.52 22.41
C ILE A 221 -15.37 3.97 23.03
N SER A 222 -14.34 3.14 22.93
CA SER A 222 -12.97 3.55 23.21
C SER A 222 -12.02 2.86 22.24
N ILE A 223 -10.72 2.98 22.56
CA ILE A 223 -9.64 2.42 21.77
C ILE A 223 -8.65 1.87 22.80
N SER A 224 -8.21 0.63 22.63
CA SER A 224 -7.36 -0.02 23.64
C SER A 224 -5.90 0.35 23.42
N ILE A 225 -5.44 1.33 24.20
CA ILE A 225 -4.09 1.88 24.05
C ILE A 225 -3.17 1.13 24.99
N SER A 226 -2.07 0.64 24.42
CA SER A 226 -1.13 -0.24 25.11
C SER A 226 0.24 0.41 25.20
N GLY A 227 1.23 -0.38 25.57
CA GLY A 227 2.62 0.06 25.54
C GLY A 227 3.40 -0.37 26.76
N VAL A 228 4.72 -0.39 26.63
CA VAL A 228 5.57 -0.56 27.79
C VAL A 228 5.54 0.74 28.57
N PHE A 229 5.36 0.66 29.89
CA PHE A 229 5.42 1.86 30.73
C PHE A 229 6.87 2.14 31.12
N PHE A 230 7.24 3.41 31.13
CA PHE A 230 8.62 3.81 31.36
C PHE A 230 8.78 4.63 32.63
N MET A 231 9.82 4.27 33.39
CA MET A 231 10.18 4.96 34.63
C MET A 231 11.64 5.36 34.54
N PRO A 232 12.02 6.44 35.23
CA PRO A 232 13.41 6.90 35.17
C PRO A 232 14.38 5.88 35.77
N LYS A 233 15.49 5.63 35.08
CA LYS A 233 16.50 4.70 35.57
C LYS A 233 17.03 5.15 36.94
N ASN A 234 17.38 6.43 37.03
CA ASN A 234 17.72 7.07 38.29
C ASN A 234 16.55 7.96 38.66
N ALA A 235 15.80 7.56 39.69
CA ALA A 235 14.59 8.26 40.09
C ALA A 235 14.85 9.68 40.60
N GLU A 236 16.10 9.98 40.95
CA GLU A 236 16.48 11.32 41.41
C GLU A 236 17.05 12.20 40.29
N SER A 237 17.14 11.67 39.07
CA SER A 237 17.71 12.42 37.95
C SER A 237 16.63 13.15 37.16
N ASP A 238 16.70 14.48 37.13
CA ASP A 238 15.78 15.28 36.31
C ASP A 238 15.86 14.87 34.84
N ASP A 239 17.06 14.56 34.38
CA ASP A 239 17.28 14.10 33.01
C ASP A 239 16.48 12.82 32.71
N ASP A 240 16.61 11.84 33.59
CA ASP A 240 15.89 10.57 33.40
C ASP A 240 14.38 10.73 33.54
N ILE A 241 13.95 11.62 34.42
CA ILE A 241 12.53 11.91 34.56
C ILE A 241 11.99 12.51 33.26
N GLU A 242 12.74 13.43 32.67
CA GLU A 242 12.37 14.02 31.38
C GLU A 242 12.32 12.95 30.28
N THR A 243 13.34 12.09 30.26
CA THR A 243 13.39 11.01 29.28
C THR A 243 12.18 10.08 29.42
N ALA A 244 11.82 9.73 30.65
CA ALA A 244 10.68 8.84 30.86
C ALA A 244 9.38 9.48 30.37
N GLU A 245 9.20 10.77 30.62
CA GLU A 245 8.01 11.45 30.14
C GLU A 245 7.94 11.43 28.61
N ARG A 246 9.06 11.72 27.96
CA ARG A 246 9.14 11.68 26.50
C ARG A 246 8.83 10.27 25.98
N ALA A 247 9.44 9.26 26.60
CA ALA A 247 9.22 7.87 26.19
C ALA A 247 7.76 7.47 26.35
N ASN A 248 7.14 7.89 27.46
CA ASN A 248 5.72 7.60 27.70
C ASN A 248 4.81 8.30 26.70
N GLN A 249 5.10 9.56 26.39
CA GLN A 249 4.32 10.25 25.38
C GLN A 249 4.46 9.57 24.02
N PHE A 250 5.68 9.20 23.65
CA PHE A 250 5.90 8.50 22.39
C PHE A 250 5.19 7.13 22.33
N GLU A 251 5.10 6.44 23.46
CA GLU A 251 4.57 5.09 23.48
C GLU A 251 3.05 5.09 23.41
N ARG A 252 2.42 5.86 24.30
CA ARG A 252 0.96 5.86 24.44
C ARG A 252 0.31 7.22 24.24
N GLY A 253 1.04 8.31 24.50
CA GLY A 253 0.51 9.65 24.23
C GLY A 253 0.25 9.86 22.75
N TRP A 254 1.04 9.18 21.93
CA TRP A 254 0.87 9.13 20.49
C TRP A 254 -0.60 8.96 20.09
N PHE A 255 -1.27 8.03 20.77
CA PHE A 255 -2.69 7.74 20.49
C PHE A 255 -3.65 8.45 21.45
N GLY A 256 -3.26 8.60 22.71
CA GLY A 256 -4.16 9.22 23.68
C GLY A 256 -4.29 10.72 23.54
N HIS A 257 -3.22 11.39 23.18
CA HIS A 257 -3.26 12.85 23.09
C HIS A 257 -4.28 13.29 22.01
N PRO A 258 -4.26 12.73 20.80
CA PRO A 258 -5.28 13.13 19.81
C PRO A 258 -6.72 12.86 20.25
N VAL A 259 -6.94 11.75 20.95
CA VAL A 259 -8.28 11.31 21.32
C VAL A 259 -8.83 12.08 22.53
N TYR A 260 -7.95 12.51 23.43
CA TYR A 260 -8.37 13.17 24.68
C TYR A 260 -8.07 14.67 24.74
C TYR A 260 -8.10 14.68 24.69
N LYS A 261 -6.91 15.08 24.22
CA LYS A 261 -6.43 16.46 24.40
C LYS A 261 -6.40 17.30 23.13
N GLY A 262 -6.37 16.67 21.97
CA GLY A 262 -6.23 17.39 20.69
C GLY A 262 -4.82 17.31 20.15
N ASP A 263 -4.69 16.75 18.95
CA ASP A 263 -3.42 16.68 18.23
C ASP A 263 -2.45 15.68 18.90
N TYR A 264 -1.30 15.48 18.27
CA TYR A 264 -0.24 14.66 18.83
C TYR A 264 0.42 15.34 20.03
N PRO A 265 1.11 14.59 20.88
CA PRO A 265 1.86 15.22 21.96
C PRO A 265 2.86 16.24 21.43
N PRO A 266 2.91 17.44 22.01
CA PRO A 266 3.91 18.42 21.61
C PRO A 266 5.34 17.87 21.58
N ILE A 267 5.69 17.01 22.53
CA ILE A 267 7.05 16.49 22.57
C ILE A 267 7.36 15.58 21.37
N MET A 268 6.35 14.88 20.86
CA MET A 268 6.52 14.08 19.64
C MET A 268 6.74 14.96 18.42
N LYS A 269 5.96 16.04 18.31
CA LYS A 269 6.17 16.96 17.21
C LYS A 269 7.59 17.48 17.23
N LYS A 270 8.05 17.93 18.39
CA LYS A 270 9.41 18.47 18.49
C LYS A 270 10.45 17.44 18.05
N TRP A 271 10.40 16.25 18.64
CA TRP A 271 11.46 15.27 18.42
C TRP A 271 11.39 14.63 17.04
N VAL A 272 10.19 14.28 16.57
CA VAL A 272 10.10 13.66 15.25
C VAL A 272 10.46 14.68 14.16
N ASP A 273 9.98 15.92 14.29
CA ASP A 273 10.31 16.93 13.29
C ASP A 273 11.83 17.15 13.23
N GLN A 274 12.49 17.17 14.40
CA GLN A 274 13.94 17.37 14.44
C GLN A 274 14.72 16.17 13.88
N LYS A 275 14.33 14.95 14.26
CA LYS A 275 14.97 13.76 13.69
C LYS A 275 14.82 13.74 12.17
N SER A 276 13.64 14.14 11.70
CA SER A 276 13.36 14.16 10.26
C SER A 276 14.27 15.15 9.53
N LYS A 277 14.48 16.32 10.14
CA LYS A 277 15.42 17.31 9.63
C LYS A 277 16.84 16.75 9.59
N GLU A 278 17.24 16.08 10.67
CA GLU A 278 18.58 15.47 10.73
C GLU A 278 18.79 14.43 9.63
N GLU A 279 17.72 13.74 9.25
CA GLU A 279 17.77 12.75 8.18
C GLU A 279 17.70 13.37 6.79
N GLY A 280 17.49 14.67 6.69
CA GLY A 280 17.41 15.35 5.41
C GLY A 280 16.10 15.11 4.67
N LEU A 281 15.05 14.75 5.40
CA LEU A 281 13.76 14.48 4.78
C LEU A 281 13.04 15.78 4.41
N PRO A 282 12.28 15.76 3.30
CA PRO A 282 11.59 16.95 2.82
C PRO A 282 10.35 17.35 3.65
N TRP A 283 9.84 16.42 4.45
CA TRP A 283 8.77 16.72 5.41
C TRP A 283 8.93 15.80 6.60
N SER A 284 8.32 16.19 7.72
CA SER A 284 8.44 15.39 8.93
C SER A 284 7.82 14.02 8.73
N LYS A 285 8.43 13.02 9.38
CA LYS A 285 7.86 11.68 9.42
C LYS A 285 6.53 11.63 10.17
N LEU A 286 6.28 12.61 11.05
CA LEU A 286 5.00 12.66 11.76
C LEU A 286 4.01 13.46 10.94
N PRO A 287 2.95 12.83 10.41
CA PRO A 287 1.97 13.58 9.64
C PRO A 287 1.30 14.67 10.46
N LYS A 288 0.82 15.69 9.77
CA LYS A 288 0.17 16.83 10.41
C LYS A 288 -1.34 16.72 10.25
N PHE A 289 -2.05 16.72 11.38
CA PHE A 289 -3.50 16.80 11.35
C PHE A 289 -3.94 18.18 10.85
N THR A 290 -5.04 18.22 10.10
CA THR A 290 -5.69 19.49 9.79
C THR A 290 -6.46 19.94 11.03
N LYS A 291 -6.88 21.21 11.02
CA LYS A 291 -7.73 21.73 12.09
C LYS A 291 -9.00 20.89 12.25
N ASP A 292 -9.63 20.56 11.13
CA ASP A 292 -10.85 19.75 11.15
C ASP A 292 -10.61 18.35 11.72
N GLU A 293 -9.48 17.75 11.39
CA GLU A 293 -9.14 16.42 11.90
C GLU A 293 -8.87 16.45 13.40
N ILE A 294 -8.22 17.50 13.89
CA ILE A 294 -7.98 17.63 15.32
C ILE A 294 -9.31 17.65 16.06
N LYS A 295 -10.27 18.43 15.53
CA LYS A 295 -11.61 18.50 16.10
C LYS A 295 -12.37 17.16 15.98
N LEU A 296 -12.25 16.48 14.84
CA LEU A 296 -12.84 15.16 14.65
C LEU A 296 -12.42 14.21 15.78
N LEU A 297 -11.13 14.21 16.09
CA LEU A 297 -10.55 13.23 16.99
C LEU A 297 -10.70 13.55 18.46
N LYS A 298 -10.66 14.83 18.82
CA LYS A 298 -10.67 15.20 20.24
C LYS A 298 -12.03 14.91 20.86
N GLY A 299 -12.05 14.08 21.89
CA GLY A 299 -13.28 13.69 22.57
C GLY A 299 -13.88 12.37 22.11
N THR A 300 -13.12 11.56 21.37
CA THR A 300 -13.66 10.32 20.79
C THR A 300 -13.40 9.08 21.66
N ALA A 301 -13.56 9.23 22.97
CA ALA A 301 -13.51 8.07 23.84
C ALA A 301 -14.39 8.30 25.06
N ASP A 302 -15.32 7.38 25.29
CA ASP A 302 -16.29 7.50 26.37
C ASP A 302 -15.76 6.95 27.69
N PHE A 303 -14.65 6.21 27.60
CA PHE A 303 -13.89 5.72 28.75
C PHE A 303 -12.49 5.49 28.19
N TYR A 304 -11.51 5.42 29.08
CA TYR A 304 -10.14 5.09 28.67
C TYR A 304 -9.99 3.57 28.72
N ALA A 305 -9.53 2.97 27.63
CA ALA A 305 -9.29 1.53 27.57
C ALA A 305 -7.78 1.28 27.57
N LEU A 306 -7.31 0.57 28.58
CA LEU A 306 -5.88 0.32 28.79
C LEU A 306 -5.55 -1.17 28.65
N ASN A 307 -4.60 -1.49 27.78
CA ASN A 307 -3.95 -2.81 27.80
C ASN A 307 -2.61 -2.60 28.46
N HIS A 308 -2.22 -3.48 29.39
CA HIS A 308 -0.96 -3.30 30.08
C HIS A 308 -0.35 -4.61 30.53
N TYR A 309 0.98 -4.72 30.36
CA TYR A 309 1.72 -5.92 30.72
C TYR A 309 2.98 -5.66 31.56
N SER A 310 3.84 -4.75 31.13
CA SER A 310 5.14 -4.59 31.79
C SER A 310 5.71 -3.18 31.62
N SER A 311 6.86 -2.97 32.26
CA SER A 311 7.50 -1.68 32.36
C SER A 311 9.01 -1.82 32.22
N ARG A 312 9.67 -0.72 31.89
CA ARG A 312 11.13 -0.67 31.80
C ARG A 312 11.64 0.65 32.37
N LEU A 313 12.89 0.64 32.83
CA LEU A 313 13.60 1.86 33.20
C LEU A 313 14.21 2.47 31.95
N VAL A 314 14.35 3.80 31.93
CA VAL A 314 14.93 4.49 30.79
C VAL A 314 15.89 5.60 31.18
N THR A 315 16.82 5.84 30.27
CA THR A 315 17.70 6.99 30.32
C THR A 315 18.00 7.38 28.88
N PHE A 316 18.49 8.60 28.67
CA PHE A 316 18.82 9.06 27.32
C PHE A 316 19.81 8.13 26.66
N GLY A 317 19.56 7.78 25.40
CA GLY A 317 20.47 6.91 24.67
C GLY A 317 19.80 6.27 23.46
N SER A 318 20.35 5.15 23.03
CA SER A 318 19.88 4.43 21.86
C SER A 318 19.66 2.97 22.26
C SER A 318 19.69 2.95 22.20
N ASP A 319 18.51 2.42 21.90
CA ASP A 319 18.17 1.04 22.27
C ASP A 319 18.31 0.13 21.06
N PRO A 320 19.02 -0.99 21.19
CA PRO A 320 19.15 -1.93 20.08
C PRO A 320 17.83 -2.62 19.69
N ASN A 321 16.87 -2.68 20.62
CA ASN A 321 15.58 -3.32 20.35
C ASN A 321 14.68 -2.35 19.57
N PRO A 322 14.28 -2.71 18.35
CA PRO A 322 13.51 -1.80 17.50
C PRO A 322 12.09 -1.54 18.02
N ASN A 323 11.66 -2.29 19.03
CA ASN A 323 10.38 -2.02 19.69
C ASN A 323 10.33 -0.67 20.41
N PHE A 324 11.49 -0.09 20.68
CA PHE A 324 11.57 1.20 21.36
C PHE A 324 11.93 2.28 20.35
N ASN A 325 11.05 3.26 20.23
CA ASN A 325 11.11 4.20 19.12
C ASN A 325 12.39 5.03 19.16
N PRO A 326 13.25 4.90 18.14
CA PRO A 326 14.54 5.58 18.15
C PRO A 326 14.43 7.10 18.03
N ASP A 327 13.31 7.61 17.52
CA ASP A 327 13.13 9.05 17.45
C ASP A 327 13.05 9.70 18.84
N ALA A 328 12.80 8.91 19.88
CA ALA A 328 12.71 9.41 21.26
C ALA A 328 14.01 9.29 22.04
N SER A 329 15.05 8.67 21.45
CA SER A 329 16.38 8.59 22.07
C SER A 329 16.34 8.20 23.54
N TYR A 330 15.80 7.02 23.82
CA TYR A 330 15.92 6.41 25.15
C TYR A 330 16.41 4.97 25.02
N VAL A 331 17.17 4.54 26.01
CA VAL A 331 17.58 3.16 26.12
C VAL A 331 16.94 2.56 27.37
N THR A 332 16.41 1.35 27.21
CA THR A 332 15.71 0.66 28.28
C THR A 332 16.63 -0.23 29.08
N SER A 333 16.22 -0.49 30.31
CA SER A 333 16.88 -1.45 31.16
C SER A 333 15.85 -2.04 32.11
N VAL A 334 16.24 -3.14 32.76
CA VAL A 334 15.38 -3.85 33.69
C VAL A 334 16.05 -3.76 35.06
N ASP A 335 15.30 -3.25 36.05
CA ASP A 335 15.76 -3.20 37.43
C ASP A 335 16.16 -4.60 37.89
N GLU A 336 17.34 -4.73 38.48
CA GLU A 336 17.80 -6.00 39.04
C GLU A 336 16.76 -6.64 39.98
N ALA A 337 16.01 -5.82 40.70
CA ALA A 337 14.96 -6.31 41.61
C ALA A 337 13.86 -7.09 40.90
N TRP A 338 13.69 -6.86 39.61
CA TRP A 338 12.63 -7.52 38.83
C TRP A 338 13.07 -8.87 38.26
N LEU A 339 14.36 -9.14 38.32
CA LEU A 339 14.97 -10.31 37.68
C LEU A 339 15.30 -11.41 38.69
N LYS A 340 15.20 -12.66 38.23
CA LYS A 340 15.52 -13.83 39.07
C LYS A 340 16.50 -14.73 38.31
N PRO A 341 17.25 -15.59 39.03
CA PRO A 341 18.27 -16.42 38.41
C PRO A 341 17.69 -17.61 37.65
N ASN A 342 17.05 -17.32 36.52
CA ASN A 342 16.45 -18.32 35.66
C ASN A 342 16.10 -17.64 34.34
N GLU A 343 15.49 -18.39 33.43
CA GLU A 343 15.04 -17.81 32.17
C GLU A 343 14.03 -16.71 32.48
N THR A 344 14.19 -15.58 31.79
CA THR A 344 13.31 -14.43 32.01
C THR A 344 11.94 -14.74 31.45
N PRO A 345 10.87 -14.45 32.21
CA PRO A 345 9.53 -14.68 31.70
C PRO A 345 9.21 -13.76 30.52
N TYR A 346 8.25 -14.20 29.72
CA TYR A 346 7.77 -13.45 28.56
C TYR A 346 7.30 -12.05 28.96
N ILE A 347 6.52 -11.98 30.05
CA ILE A 347 6.11 -10.72 30.64
C ILE A 347 6.84 -10.58 31.97
N ILE A 348 7.72 -9.56 32.09
CA ILE A 348 8.43 -9.34 33.34
C ILE A 348 7.47 -8.67 34.33
N PRO A 349 7.20 -9.29 35.48
CA PRO A 349 6.29 -8.66 36.45
C PRO A 349 6.85 -7.38 37.07
N VAL A 350 6.13 -6.28 36.86
CA VAL A 350 6.45 -4.99 37.47
C VAL A 350 5.12 -4.35 37.91
N PRO A 351 4.51 -4.91 38.96
CA PRO A 351 3.18 -4.41 39.37
C PRO A 351 3.18 -2.93 39.75
N GLU A 352 4.27 -2.43 40.31
CA GLU A 352 4.38 -1.00 40.63
C GLU A 352 4.21 -0.14 39.38
N GLY A 353 4.65 -0.67 38.23
CA GLY A 353 4.48 0.02 36.96
C GLY A 353 3.02 0.26 36.60
N LEU A 354 2.14 -0.70 36.90
CA LEU A 354 0.72 -0.49 36.64
C LEU A 354 0.18 0.62 37.54
N ARG A 355 0.52 0.59 38.83
CA ARG A 355 0.08 1.65 39.74
C ARG A 355 0.50 3.02 39.23
N LYS A 356 1.77 3.14 38.87
CA LYS A 356 2.31 4.41 38.39
C LYS A 356 1.74 4.84 37.05
N LEU A 357 1.47 3.86 36.18
CA LEU A 357 0.82 4.14 34.91
C LEU A 357 -0.61 4.66 35.10
N LEU A 358 -1.36 4.05 36.00
CA LEU A 358 -2.71 4.52 36.28
C LEU A 358 -2.70 5.97 36.76
N ILE A 359 -1.74 6.31 37.61
CA ILE A 359 -1.56 7.69 38.07
C ILE A 359 -1.17 8.60 36.90
N TRP A 360 -0.27 8.14 36.04
CA TRP A 360 0.15 8.91 34.88
C TRP A 360 -1.04 9.25 33.99
N LEU A 361 -1.88 8.26 33.73
CA LEU A 361 -3.07 8.44 32.91
C LEU A 361 -4.09 9.36 33.57
N LYS A 362 -4.29 9.19 34.87
CA LYS A 362 -5.15 10.08 35.65
C LYS A 362 -4.73 11.53 35.46
N ASN A 363 -3.44 11.80 35.65
CA ASN A 363 -2.92 13.16 35.60
C ASN A 363 -2.90 13.72 34.19
N GLU A 364 -2.59 12.89 33.20
CA GLU A 364 -2.47 13.36 31.83
C GLU A 364 -3.84 13.66 31.21
N TYR A 365 -4.85 12.85 31.54
CA TYR A 365 -6.14 12.92 30.85
C TYR A 365 -7.34 13.32 31.72
N GLY A 366 -7.08 13.82 32.93
CA GLY A 366 -8.16 14.32 33.79
C GLY A 366 -9.02 13.23 34.42
N ASN A 367 -8.37 12.14 34.81
CA ASN A 367 -9.00 11.03 35.52
C ASN A 367 -10.24 10.47 34.83
N PRO A 368 -10.09 10.01 33.59
CA PRO A 368 -11.21 9.40 32.90
C PRO A 368 -11.60 8.10 33.55
N GLN A 369 -12.86 7.70 33.42
CA GLN A 369 -13.25 6.35 33.76
C GLN A 369 -12.38 5.41 32.93
N LEU A 370 -11.74 4.44 33.58
CA LEU A 370 -10.71 3.63 32.94
C LEU A 370 -11.00 2.16 33.11
N LEU A 371 -11.05 1.45 31.98
CA LEU A 371 -11.25 0.03 31.94
C LEU A 371 -9.94 -0.60 31.50
N ILE A 372 -9.37 -1.49 32.33
CA ILE A 372 -8.21 -2.27 31.92
C ILE A 372 -8.76 -3.39 31.03
N THR A 373 -8.55 -3.26 29.72
CA THR A 373 -9.07 -4.22 28.75
C THR A 373 -8.15 -5.42 28.51
N GLU A 374 -6.91 -5.38 28.97
CA GLU A 374 -6.04 -6.57 28.99
C GLU A 374 -4.97 -6.42 30.05
N ASN A 375 -4.76 -7.49 30.80
CA ASN A 375 -3.60 -7.67 31.65
C ASN A 375 -3.44 -9.17 31.84
N GLY A 376 -2.20 -9.67 31.86
CA GLY A 376 -2.01 -11.10 32.01
C GLY A 376 -0.56 -11.51 31.90
N TYR A 377 -0.33 -12.81 32.09
CA TYR A 377 1.01 -13.38 32.19
C TYR A 377 1.02 -14.72 31.47
N GLY A 378 2.05 -14.94 30.66
CA GLY A 378 2.14 -16.13 29.83
C GLY A 378 3.31 -17.01 30.21
N ASP A 379 3.10 -18.32 30.19
CA ASP A 379 4.10 -19.25 30.68
C ASP A 379 4.11 -20.52 29.84
N ASP A 380 4.76 -21.56 30.37
CA ASP A 380 4.93 -22.83 29.67
C ASP A 380 3.68 -23.72 29.67
C ASP A 380 3.67 -23.68 29.62
N GLY A 381 2.63 -23.26 30.34
CA GLY A 381 1.32 -23.92 30.26
C GLY A 381 1.01 -24.95 31.32
N GLN A 382 1.87 -25.09 32.33
CA GLN A 382 1.60 -25.96 33.48
C GLN A 382 0.25 -25.63 34.11
C GLN A 382 0.25 -25.63 34.11
N LEU A 383 -0.42 -26.64 34.66
CA LEU A 383 -1.71 -26.43 35.32
C LEU A 383 -1.56 -25.71 36.67
N ASP A 384 -0.45 -25.97 37.35
CA ASP A 384 -0.15 -25.29 38.63
C ASP A 384 0.54 -23.97 38.32
N ASP A 385 -0.22 -23.04 37.77
CA ASP A 385 0.34 -21.80 37.24
C ASP A 385 0.42 -20.71 38.29
N PHE A 386 1.26 -20.97 39.29
CA PHE A 386 1.36 -20.13 40.46
C PHE A 386 2.02 -18.79 40.18
N GLU A 387 2.98 -18.76 39.25
CA GLU A 387 3.58 -17.49 38.87
C GLU A 387 2.55 -16.59 38.17
N LYS A 388 1.66 -17.19 37.39
CA LYS A 388 0.56 -16.43 36.78
C LYS A 388 -0.36 -15.88 37.86
N ILE A 389 -0.74 -16.71 38.83
CA ILE A 389 -1.56 -16.24 39.95
C ILE A 389 -0.89 -15.05 40.65
N SER A 390 0.42 -15.17 40.94
CA SER A 390 1.12 -14.10 41.64
C SER A 390 1.12 -12.80 40.84
C SER A 390 1.13 -12.79 40.84
N TYR A 391 1.34 -12.89 39.53
CA TYR A 391 1.27 -11.72 38.66
C TYR A 391 -0.10 -11.07 38.74
N LEU A 392 -1.15 -11.86 38.56
CA LEU A 392 -2.52 -11.32 38.58
C LEU A 392 -2.80 -10.67 39.94
N LYS A 393 -2.48 -11.37 41.02
CA LYS A 393 -2.69 -10.85 42.35
C LYS A 393 -1.99 -9.52 42.55
N ASN A 394 -0.72 -9.47 42.16
CA ASN A 394 0.07 -8.27 42.41
C ASN A 394 -0.39 -7.09 41.57
N TYR A 395 -0.78 -7.34 40.32
CA TYR A 395 -1.29 -6.27 39.47
C TYR A 395 -2.69 -5.82 39.91
N LEU A 396 -3.51 -6.75 40.39
CA LEU A 396 -4.80 -6.39 40.96
C LEU A 396 -4.63 -5.53 42.21
N ASN A 397 -3.68 -5.88 43.06
CA ASN A 397 -3.39 -5.07 44.24
C ASN A 397 -2.84 -3.69 43.87
N ALA A 398 -2.02 -3.62 42.83
CA ALA A 398 -1.53 -2.33 42.34
C ALA A 398 -2.69 -1.46 41.85
N THR A 399 -3.66 -2.09 41.20
CA THR A 399 -4.87 -1.39 40.74
C THR A 399 -5.66 -0.84 41.91
N LEU A 400 -5.85 -1.65 42.96
CA LEU A 400 -6.55 -1.19 44.16
C LEU A 400 -5.83 -0.05 44.85
N GLN A 401 -4.50 -0.09 44.88
CA GLN A 401 -3.73 1.02 45.43
C GLN A 401 -3.98 2.30 44.64
N ALA A 402 -3.93 2.22 43.31
CA ALA A 402 -4.20 3.39 42.47
C ALA A 402 -5.60 3.94 42.72
N MET A 403 -6.57 3.04 42.87
CA MET A 403 -7.95 3.45 43.11
C MET A 403 -8.12 4.15 44.45
N TYR A 404 -7.67 3.51 45.53
CA TYR A 404 -8.00 4.01 46.85
C TYR A 404 -6.97 4.95 47.46
N GLU A 405 -5.70 4.80 47.10
CA GLU A 405 -4.68 5.76 47.55
C GLU A 405 -4.60 6.98 46.64
N ASP A 406 -4.74 6.77 45.34
CA ASP A 406 -4.57 7.88 44.39
C ASP A 406 -5.80 8.28 43.63
N LYS A 407 -6.96 7.71 44.01
CA LYS A 407 -8.25 8.18 43.52
C LYS A 407 -8.43 8.00 42.02
N CYS A 408 -7.75 7.00 41.45
CA CYS A 408 -7.89 6.70 40.03
C CYS A 408 -9.25 6.04 39.75
N ASN A 409 -9.92 6.55 38.72
CA ASN A 409 -11.29 6.15 38.36
C ASN A 409 -11.34 4.85 37.55
C ASN A 409 -11.34 4.85 37.55
N VAL A 410 -10.79 3.78 38.11
CA VAL A 410 -10.76 2.48 37.42
C VAL A 410 -12.12 1.80 37.61
N ILE A 411 -12.74 1.40 36.49
CA ILE A 411 -14.09 0.82 36.52
C ILE A 411 -14.13 -0.68 36.26
N GLY A 412 -13.02 -1.27 35.78
CA GLY A 412 -13.01 -2.70 35.55
C GLY A 412 -11.65 -3.22 35.16
N TYR A 413 -11.57 -4.55 35.05
CA TYR A 413 -10.32 -5.25 34.83
C TYR A 413 -10.61 -6.50 34.00
N THR A 414 -9.76 -6.76 33.01
CA THR A 414 -9.92 -7.85 32.06
C THR A 414 -8.67 -8.72 32.02
N VAL A 415 -8.82 -10.01 32.29
CA VAL A 415 -7.70 -10.93 32.19
C VAL A 415 -7.49 -11.37 30.74
C VAL A 415 -7.48 -11.42 30.76
N TRP A 416 -6.26 -11.22 30.26
CA TRP A 416 -5.81 -11.87 29.03
C TRP A 416 -5.12 -13.17 29.49
N SER A 417 -5.69 -14.36 29.26
CA SER A 417 -6.88 -14.61 28.44
C SER A 417 -7.68 -15.73 29.07
N LEU A 418 -8.95 -15.83 28.69
CA LEU A 418 -9.78 -16.96 29.07
C LEU A 418 -9.12 -18.28 28.71
N LEU A 419 -8.58 -18.35 27.49
CA LEU A 419 -8.06 -19.58 26.90
C LEU A 419 -6.63 -19.37 26.45
N ASP A 420 -5.81 -20.41 26.52
CA ASP A 420 -4.59 -20.42 25.72
C ASP A 420 -4.96 -20.13 24.28
N ASN A 421 -4.06 -19.49 23.56
CA ASN A 421 -4.37 -19.11 22.20
C ASN A 421 -3.10 -18.86 21.39
N PHE A 422 -3.26 -18.49 20.12
CA PHE A 422 -2.14 -18.29 19.22
C PHE A 422 -1.49 -16.94 19.50
N GLU A 423 -0.32 -16.96 20.16
CA GLU A 423 0.39 -15.75 20.57
C GLU A 423 1.30 -15.26 19.44
N TRP A 424 0.67 -15.01 18.30
CA TRP A 424 1.30 -14.34 17.17
C TRP A 424 2.60 -15.04 16.77
N PHE A 425 3.72 -14.32 16.67
CA PHE A 425 4.95 -14.98 16.21
C PHE A 425 5.49 -16.03 17.19
N TYR A 426 4.97 -16.08 18.42
CA TYR A 426 5.36 -17.13 19.37
C TYR A 426 4.46 -18.35 19.28
N GLY A 427 3.42 -18.30 18.47
CA GLY A 427 2.54 -19.45 18.29
C GLY A 427 1.89 -19.85 19.59
N TYR A 428 1.72 -21.16 19.80
CA TYR A 428 1.09 -21.64 21.03
C TYR A 428 2.07 -21.77 22.20
N SER A 429 3.35 -21.48 21.96
CA SER A 429 4.42 -21.72 22.93
C SER A 429 4.32 -20.87 24.21
N ILE A 430 3.54 -19.79 24.17
CA ILE A 430 3.31 -18.95 25.33
C ILE A 430 1.84 -19.06 25.69
N HIS A 431 1.59 -19.48 26.93
CA HIS A 431 0.26 -19.86 27.39
C HIS A 431 -0.26 -18.85 28.40
N PHE A 432 -1.22 -18.03 27.98
CA PHE A 432 -1.82 -16.99 28.83
C PHE A 432 -3.13 -17.42 29.49
N GLY A 433 -3.62 -18.62 29.19
CA GLY A 433 -4.98 -18.98 29.56
C GLY A 433 -5.22 -19.28 31.03
N LEU A 434 -6.36 -18.84 31.54
CA LEU A 434 -6.94 -19.42 32.75
C LEU A 434 -7.30 -20.89 32.49
N VAL A 435 -7.57 -21.19 31.22
CA VAL A 435 -7.95 -22.51 30.76
C VAL A 435 -6.94 -23.00 29.72
N LYS A 436 -6.37 -24.17 29.99
CA LYS A 436 -5.46 -24.85 29.08
C LYS A 436 -6.23 -25.44 27.91
N ILE A 437 -5.64 -25.36 26.72
CA ILE A 437 -6.18 -25.99 25.53
C ILE A 437 -5.21 -27.04 25.04
N ASP A 438 -5.69 -28.23 24.74
CA ASP A 438 -4.83 -29.25 24.13
C ASP A 438 -4.85 -29.06 22.62
N PHE A 439 -3.83 -28.40 22.10
CA PHE A 439 -3.75 -28.09 20.68
C PHE A 439 -3.39 -29.30 19.83
N ASN A 440 -3.04 -30.41 20.46
CA ASN A 440 -2.80 -31.68 19.75
C ASN A 440 -4.02 -32.60 19.70
N ASP A 441 -5.14 -32.13 20.25
CA ASP A 441 -6.39 -32.89 20.33
C ASP A 441 -7.34 -32.26 19.32
N PRO A 442 -7.88 -33.01 18.36
CA PRO A 442 -8.84 -32.44 17.41
C PRO A 442 -10.04 -31.74 18.05
N GLN A 443 -10.41 -32.15 19.26
CA GLN A 443 -11.52 -31.55 19.99
C GLN A 443 -11.08 -30.32 20.82
N ARG A 444 -9.78 -30.02 20.82
CA ARG A 444 -9.24 -28.82 21.49
C ARG A 444 -9.75 -28.71 22.93
N THR A 445 -9.62 -29.83 23.64
CA THR A 445 -10.15 -29.96 24.99
C THR A 445 -9.64 -28.88 25.95
N ARG A 446 -10.58 -28.35 26.73
CA ARG A 446 -10.30 -27.34 27.75
C ARG A 446 -10.03 -28.02 29.09
N THR A 447 -9.02 -27.54 29.82
CA THR A 447 -8.75 -27.94 31.21
C THR A 447 -8.48 -26.69 32.05
N LYS A 448 -9.24 -26.51 33.12
CA LYS A 448 -9.06 -25.34 33.98
C LYS A 448 -7.73 -25.43 34.73
N ARG A 449 -7.01 -24.31 34.78
CA ARG A 449 -5.77 -24.22 35.55
C ARG A 449 -6.07 -23.72 36.96
N GLU A 450 -5.06 -23.75 37.82
CA GLU A 450 -5.22 -23.19 39.17
C GLU A 450 -5.61 -21.71 39.13
N SER A 451 -5.09 -20.96 38.17
CA SER A 451 -5.44 -19.54 38.04
C SER A 451 -6.93 -19.30 37.78
N TYR A 452 -7.59 -20.27 37.15
CA TYR A 452 -9.03 -20.18 36.91
C TYR A 452 -9.79 -20.06 38.23
N THR A 453 -9.47 -20.96 39.17
CA THR A 453 -10.12 -20.93 40.47
C THR A 453 -9.75 -19.68 41.25
N TYR A 454 -8.49 -19.27 41.16
CA TYR A 454 -8.05 -18.03 41.79
C TYR A 454 -8.91 -16.85 41.32
N PHE A 455 -9.01 -16.68 40.00
CA PHE A 455 -9.73 -15.53 39.46
C PHE A 455 -11.23 -15.62 39.76
N LYS A 456 -11.78 -16.82 39.67
CA LYS A 456 -13.18 -17.05 40.06
C LYS A 456 -13.45 -16.52 41.47
N ASN A 457 -12.53 -16.79 42.40
CA ASN A 457 -12.69 -16.36 43.78
C ASN A 457 -12.51 -14.85 43.94
N VAL A 458 -11.57 -14.26 43.21
CA VAL A 458 -11.42 -12.80 43.25
C VAL A 458 -12.69 -12.11 42.75
N VAL A 459 -13.26 -12.62 41.66
CA VAL A 459 -14.47 -12.05 41.09
C VAL A 459 -15.61 -12.09 42.11
N SER A 460 -15.69 -13.19 42.87
CA SER A 460 -16.76 -13.36 43.84
C SER A 460 -16.60 -12.47 45.08
C SER A 460 -16.60 -12.47 45.08
N THR A 461 -15.38 -12.41 45.61
CA THR A 461 -15.12 -11.69 46.88
C THR A 461 -14.64 -10.25 46.71
N GLY A 462 -14.08 -9.94 45.55
CA GLY A 462 -13.43 -8.65 45.32
C GLY A 462 -12.05 -8.53 45.97
N LYS A 463 -11.55 -9.62 46.52
CA LYS A 463 -10.29 -9.59 47.29
C LYS A 463 -9.20 -10.38 46.54
N PRO A 464 -8.17 -9.71 46.03
CA PRO A 464 -7.04 -10.43 45.42
C PRO A 464 -6.31 -11.35 46.40
C PRO A 464 -6.31 -11.35 46.40
N TYR B 3 4.53 10.90 -50.13
CA TYR B 3 4.90 11.95 -49.13
C TYR B 3 6.27 11.68 -48.52
N LYS B 4 6.90 12.73 -48.02
CA LYS B 4 8.13 12.59 -47.23
C LYS B 4 8.07 13.46 -45.97
N PHE B 5 8.78 13.04 -44.93
CA PHE B 5 8.84 13.81 -43.69
C PHE B 5 9.65 15.09 -43.91
N PRO B 6 9.24 16.18 -43.27
CA PRO B 6 9.94 17.45 -43.46
C PRO B 6 11.33 17.43 -42.86
N LYS B 7 12.17 18.38 -43.27
CA LYS B 7 13.57 18.42 -42.84
C LYS B 7 13.72 18.55 -41.32
N ASP B 8 12.75 19.22 -40.69
CA ASP B 8 12.80 19.52 -39.25
C ASP B 8 12.14 18.43 -38.39
C ASP B 8 12.12 18.44 -38.40
N PHE B 9 11.65 17.37 -39.04
CA PHE B 9 11.01 16.24 -38.33
C PHE B 9 12.01 15.51 -37.44
N MET B 10 11.58 15.16 -36.23
CA MET B 10 12.47 14.54 -35.23
C MET B 10 12.31 13.03 -35.25
N PHE B 11 13.34 12.31 -35.69
CA PHE B 11 13.36 10.85 -35.57
C PHE B 11 14.20 10.44 -34.37
N GLY B 12 13.67 9.49 -33.61
CA GLY B 12 14.38 8.95 -32.47
C GLY B 12 14.10 7.47 -32.27
N THR B 13 14.62 6.97 -31.17
CA THR B 13 14.36 5.62 -30.72
C THR B 13 14.25 5.63 -29.20
N SER B 14 13.64 4.60 -28.64
CA SER B 14 13.42 4.51 -27.21
C SER B 14 13.84 3.17 -26.63
N THR B 15 14.29 3.24 -25.38
CA THR B 15 14.47 2.09 -24.50
C THR B 15 13.84 2.45 -23.14
N ALA B 16 14.02 1.55 -22.16
CA ALA B 16 13.61 1.79 -20.77
C ALA B 16 14.63 1.11 -19.87
N SER B 17 14.83 1.68 -18.68
CA SER B 17 15.91 1.26 -17.78
C SER B 17 15.90 -0.24 -17.46
N TYR B 18 14.80 -0.76 -16.94
CA TYR B 18 14.78 -2.16 -16.54
C TYR B 18 14.91 -3.08 -17.76
N GLN B 19 14.42 -2.62 -18.90
CA GLN B 19 14.41 -3.47 -20.07
C GLN B 19 15.79 -3.67 -20.70
N ILE B 20 16.72 -2.72 -20.50
CA ILE B 20 18.05 -2.81 -21.11
C ILE B 20 19.26 -2.78 -20.18
N GLU B 21 19.14 -2.20 -18.99
CA GLU B 21 20.36 -1.84 -18.24
C GLU B 21 21.14 -2.99 -17.63
N GLY B 22 20.46 -3.95 -17.02
CA GLY B 22 21.14 -4.87 -16.13
C GLY B 22 21.72 -4.11 -14.94
N GLY B 23 22.85 -4.57 -14.42
CA GLY B 23 23.46 -3.93 -13.25
C GLY B 23 22.46 -3.72 -12.12
N TRP B 24 21.60 -4.72 -11.91
CA TRP B 24 20.43 -4.53 -11.04
C TRP B 24 20.77 -4.34 -9.56
N ASN B 25 21.94 -4.83 -9.14
CA ASN B 25 22.37 -4.75 -7.74
C ASN B 25 23.76 -4.12 -7.62
N GLU B 26 24.12 -3.27 -8.59
CA GLU B 26 25.43 -2.65 -8.61
C GLU B 26 25.36 -1.22 -8.11
N ASP B 27 26.50 -0.75 -7.58
CA ASP B 27 26.69 0.66 -7.28
C ASP B 27 25.63 1.24 -6.34
N GLY B 28 25.18 0.42 -5.40
CA GLY B 28 24.23 0.85 -4.40
C GLY B 28 22.79 0.95 -4.84
N LYS B 29 22.47 0.50 -6.06
CA LYS B 29 21.11 0.60 -6.56
C LYS B 29 20.13 -0.17 -5.66
N GLY B 30 19.02 0.45 -5.32
CA GLY B 30 17.98 -0.21 -4.52
C GLY B 30 17.16 -1.20 -5.33
N GLU B 31 16.53 -2.12 -4.61
CA GLU B 31 15.62 -3.08 -5.22
C GLU B 31 14.39 -2.35 -5.74
N ASN B 32 13.96 -2.68 -6.96
CA ASN B 32 12.70 -2.17 -7.49
C ASN B 32 11.68 -3.30 -7.60
N ILE B 33 10.45 -2.95 -8.00
CA ILE B 33 9.37 -3.93 -8.01
C ILE B 33 9.57 -5.04 -9.05
N TRP B 34 10.33 -4.75 -10.10
CA TRP B 34 10.62 -5.78 -11.11
C TRP B 34 11.67 -6.75 -10.59
N ASP B 35 12.73 -6.25 -9.97
CA ASP B 35 13.68 -7.13 -9.26
C ASP B 35 12.93 -8.04 -8.29
N ARG B 36 12.06 -7.46 -7.48
CA ARG B 36 11.34 -8.23 -6.47
C ARG B 36 10.52 -9.34 -7.13
N LEU B 37 9.76 -8.97 -8.15
CA LEU B 37 8.88 -9.93 -8.79
C LEU B 37 9.65 -11.07 -9.44
N VAL B 38 10.67 -10.75 -10.23
CA VAL B 38 11.37 -11.81 -10.96
C VAL B 38 12.23 -12.68 -10.05
N HIS B 39 12.68 -12.15 -8.92
CA HIS B 39 13.49 -12.93 -7.99
C HIS B 39 12.65 -13.80 -7.10
N THR B 40 11.46 -13.34 -6.73
CA THR B 40 10.61 -14.12 -5.87
C THR B 40 9.74 -15.10 -6.66
C THR B 40 9.77 -15.10 -6.68
N SER B 41 9.24 -14.63 -7.81
CA SER B 41 8.32 -15.43 -8.65
C SER B 41 8.74 -15.42 -10.11
N PRO B 42 9.88 -16.02 -10.41
CA PRO B 42 10.39 -16.07 -11.79
C PRO B 42 9.40 -16.75 -12.74
N GLU B 43 8.55 -17.62 -12.19
CA GLU B 43 7.54 -18.34 -12.95
C GLU B 43 6.50 -17.47 -13.64
N VAL B 44 6.37 -16.19 -13.25
CA VAL B 44 5.40 -15.31 -13.91
C VAL B 44 5.86 -14.83 -15.29
N ILE B 45 7.14 -15.00 -15.60
CA ILE B 45 7.71 -14.60 -16.89
C ILE B 45 7.67 -15.77 -17.85
N LYS B 46 7.12 -15.54 -19.04
CA LYS B 46 6.88 -16.58 -20.06
C LYS B 46 8.06 -17.52 -20.28
N ASP B 47 9.26 -16.96 -20.41
CA ASP B 47 10.45 -17.73 -20.75
C ASP B 47 11.40 -17.89 -19.57
N GLY B 48 10.96 -17.52 -18.36
CA GLY B 48 11.75 -17.71 -17.16
C GLY B 48 13.02 -16.87 -17.10
N THR B 49 13.00 -15.71 -17.74
CA THR B 49 14.15 -14.80 -17.73
C THR B 49 13.88 -13.60 -16.84
N ASN B 50 14.91 -12.77 -16.67
CA ASN B 50 14.80 -11.58 -15.85
C ASN B 50 15.67 -10.47 -16.42
N GLY B 51 15.59 -9.29 -15.82
CA GLY B 51 16.42 -8.16 -16.22
C GLY B 51 17.69 -7.98 -15.42
N ASP B 52 18.21 -9.03 -14.79
CA ASP B 52 19.43 -8.89 -14.00
C ASP B 52 20.59 -8.33 -14.83
N ILE B 53 20.70 -8.81 -16.06
CA ILE B 53 21.73 -8.38 -17.01
C ILE B 53 21.12 -7.65 -18.22
N ALA B 54 20.07 -8.23 -18.81
CA ALA B 54 19.39 -7.64 -19.96
C ALA B 54 20.40 -7.33 -21.07
N CYS B 55 20.42 -6.12 -21.62
CA CYS B 55 21.39 -5.76 -22.64
C CYS B 55 22.71 -5.27 -22.05
N ASP B 56 22.80 -5.27 -20.72
CA ASP B 56 23.96 -4.79 -20.01
C ASP B 56 24.32 -3.35 -20.38
N SER B 57 23.30 -2.54 -20.67
CA SER B 57 23.54 -1.16 -21.04
C SER B 57 24.01 -0.28 -19.88
N TYR B 58 23.91 -0.78 -18.64
CA TYR B 58 24.58 -0.11 -17.53
C TYR B 58 26.09 -0.02 -17.78
N HIS B 59 26.63 -1.03 -18.46
CA HIS B 59 28.06 -1.04 -18.81
C HIS B 59 28.34 -0.73 -20.28
N LYS B 60 27.36 -0.96 -21.16
CA LYS B 60 27.58 -0.85 -22.61
C LYS B 60 26.96 0.41 -23.24
N TYR B 61 26.56 1.38 -22.42
CA TYR B 61 25.85 2.55 -22.93
C TYR B 61 26.62 3.32 -24.02
N LYS B 62 27.95 3.33 -23.96
CA LYS B 62 28.72 4.05 -24.99
C LYS B 62 28.49 3.43 -26.37
N GLU B 63 28.36 2.10 -26.41
CA GLU B 63 28.04 1.41 -27.65
C GLU B 63 26.64 1.75 -28.14
N ASP B 64 25.69 1.85 -27.22
CA ASP B 64 24.33 2.26 -27.58
C ASP B 64 24.36 3.62 -28.26
N VAL B 65 25.09 4.56 -27.66
CA VAL B 65 25.17 5.91 -28.22
C VAL B 65 25.82 5.89 -29.61
N ALA B 66 26.87 5.08 -29.78
CA ALA B 66 27.53 4.97 -31.08
C ALA B 66 26.57 4.48 -32.17
N ILE B 67 25.70 3.55 -31.81
CA ILE B 67 24.71 3.03 -32.76
C ILE B 67 23.66 4.11 -33.08
N ILE B 68 23.18 4.81 -32.07
CA ILE B 68 22.24 5.92 -32.30
C ILE B 68 22.85 6.96 -33.23
N LYS B 69 24.13 7.26 -33.02
CA LYS B 69 24.84 8.22 -33.87
C LYS B 69 24.97 7.71 -35.31
N ASP B 70 25.25 6.42 -35.48
CA ASP B 70 25.32 5.84 -36.82
C ASP B 70 23.97 5.95 -37.55
N LEU B 71 22.87 5.76 -36.83
CA LEU B 71 21.53 5.95 -37.39
C LEU B 71 21.23 7.41 -37.70
N ASN B 72 22.00 8.33 -37.11
CA ASN B 72 21.82 9.77 -37.27
C ASN B 72 20.48 10.25 -36.71
N LEU B 73 20.06 9.68 -35.59
CA LEU B 73 18.81 10.07 -34.96
C LEU B 73 18.98 11.43 -34.30
N LYS B 74 17.89 12.18 -34.24
CA LYS B 74 17.92 13.48 -33.57
C LYS B 74 17.86 13.36 -32.05
N PHE B 75 17.19 12.32 -31.54
CA PHE B 75 17.06 12.15 -30.09
C PHE B 75 17.02 10.69 -29.68
N TYR B 76 17.31 10.47 -28.39
CA TYR B 76 17.21 9.16 -27.77
C TYR B 76 16.34 9.28 -26.53
N ARG B 77 15.27 8.50 -26.50
CA ARG B 77 14.40 8.41 -25.34
C ARG B 77 14.86 7.23 -24.48
N PHE B 78 15.24 7.54 -23.24
CA PHE B 78 15.62 6.53 -22.29
C PHE B 78 15.00 6.88 -20.95
N SER B 79 14.93 5.92 -20.04
CA SER B 79 14.36 6.20 -18.72
C SER B 79 15.42 6.13 -17.64
N ILE B 80 15.12 6.80 -16.53
CA ILE B 80 15.99 6.80 -15.37
C ILE B 80 15.40 5.88 -14.30
N SER B 81 16.25 5.02 -13.76
CA SER B 81 15.88 4.14 -12.67
C SER B 81 15.88 4.89 -11.34
N TRP B 82 14.69 5.09 -10.80
CA TRP B 82 14.52 5.82 -9.54
C TRP B 82 15.42 5.25 -8.44
N ALA B 83 15.46 3.93 -8.32
CA ALA B 83 16.23 3.28 -7.26
C ALA B 83 17.76 3.36 -7.44
N ARG B 84 18.24 3.72 -8.63
CA ARG B 84 19.66 4.04 -8.79
C ARG B 84 20.00 5.39 -8.18
N ILE B 85 19.07 6.32 -8.24
CA ILE B 85 19.26 7.68 -7.74
C ILE B 85 19.09 7.69 -6.23
N ALA B 86 18.02 7.05 -5.75
CA ALA B 86 17.66 7.01 -4.34
C ALA B 86 17.16 5.60 -4.03
N PRO B 87 17.99 4.76 -3.44
CA PRO B 87 17.65 3.34 -3.29
C PRO B 87 16.30 3.02 -2.63
N SER B 88 15.85 3.85 -1.69
CA SER B 88 14.55 3.65 -1.04
C SER B 88 13.40 4.33 -1.77
N GLY B 89 13.73 5.15 -2.76
CA GLY B 89 12.75 6.03 -3.40
C GLY B 89 12.55 7.36 -2.68
N VAL B 90 13.10 7.49 -1.48
CA VAL B 90 13.02 8.70 -0.68
C VAL B 90 14.34 9.46 -0.91
N MET B 91 14.22 10.75 -1.22
CA MET B 91 15.35 11.47 -1.83
C MET B 91 16.35 12.07 -0.84
N ASN B 92 16.24 11.71 0.44
CA ASN B 92 17.21 12.15 1.43
C ASN B 92 18.52 11.39 1.37
N SER B 93 18.52 10.22 0.72
CA SER B 93 19.70 9.40 0.56
C SER B 93 19.93 9.13 -0.91
N LEU B 94 20.83 9.91 -1.52
CA LEU B 94 21.15 9.80 -2.93
C LEU B 94 22.39 8.97 -3.12
N GLU B 95 22.43 8.26 -4.26
CA GLU B 95 23.58 7.44 -4.60
C GLU B 95 24.35 8.11 -5.74
N PRO B 96 25.50 8.73 -5.43
CA PRO B 96 26.26 9.43 -6.46
C PRO B 96 26.64 8.58 -7.68
N LYS B 97 26.84 7.28 -7.49
CA LYS B 97 27.19 6.41 -8.61
C LYS B 97 26.04 6.27 -9.62
N GLY B 98 24.80 6.29 -9.13
CA GLY B 98 23.64 6.24 -10.00
C GLY B 98 23.48 7.53 -10.79
N ILE B 99 23.66 8.65 -10.10
CA ILE B 99 23.64 9.95 -10.76
C ILE B 99 24.74 10.03 -11.82
N ALA B 100 25.93 9.50 -11.49
CA ALA B 100 27.06 9.53 -12.41
C ALA B 100 26.79 8.76 -13.70
N TYR B 101 26.11 7.61 -13.59
CA TYR B 101 25.77 6.84 -14.77
C TYR B 101 24.94 7.68 -15.74
N TYR B 102 23.88 8.30 -15.24
CA TYR B 102 23.02 9.06 -16.13
C TYR B 102 23.69 10.33 -16.63
N ASN B 103 24.52 10.96 -15.82
CA ASN B 103 25.34 12.06 -16.32
C ASN B 103 26.24 11.61 -17.46
N ASN B 104 26.86 10.44 -17.30
CA ASN B 104 27.72 9.90 -18.34
C ASN B 104 26.96 9.65 -19.64
N LEU B 105 25.76 9.08 -19.53
CA LEU B 105 24.94 8.81 -20.71
C LEU B 105 24.51 10.11 -21.39
N ILE B 106 24.00 11.06 -20.59
CA ILE B 106 23.58 12.36 -21.11
C ILE B 106 24.75 13.06 -21.81
N ASN B 107 25.91 13.07 -21.16
CA ASN B 107 27.08 13.74 -21.72
C ASN B 107 27.58 13.06 -22.99
N GLU B 108 27.49 11.74 -23.05
CA GLU B 108 27.88 10.99 -24.24
C GLU B 108 26.96 11.33 -25.40
N LEU B 109 25.65 11.43 -25.13
CA LEU B 109 24.69 11.83 -26.15
C LEU B 109 24.99 13.23 -26.68
N ILE B 110 25.18 14.17 -25.78
CA ILE B 110 25.40 15.57 -26.18
C ILE B 110 26.71 15.75 -26.96
N LYS B 111 27.75 15.04 -26.56
CA LYS B 111 29.03 15.03 -27.29
C LYS B 111 28.85 14.58 -28.74
N ASN B 112 27.85 13.72 -28.97
CA ASN B 112 27.51 13.22 -30.30
C ASN B 112 26.33 13.94 -30.96
N ASP B 113 25.94 15.08 -30.40
CA ASP B 113 24.89 15.92 -30.97
C ASP B 113 23.55 15.16 -31.05
C ASP B 113 23.51 15.25 -31.00
N ILE B 114 23.24 14.40 -30.02
CA ILE B 114 21.95 13.70 -29.88
C ILE B 114 21.23 14.32 -28.69
N ILE B 115 19.96 14.64 -28.87
CA ILE B 115 19.13 15.20 -27.80
C ILE B 115 18.69 14.09 -26.84
N PRO B 116 18.95 14.24 -25.54
CA PRO B 116 18.38 13.31 -24.56
C PRO B 116 16.92 13.64 -24.27
N LEU B 117 16.05 12.64 -24.39
CA LEU B 117 14.65 12.75 -24.00
C LEU B 117 14.47 11.77 -22.85
C LEU B 117 14.44 11.76 -22.86
N VAL B 118 14.22 12.29 -21.66
CA VAL B 118 14.24 11.46 -20.45
C VAL B 118 12.86 11.15 -19.91
N THR B 119 12.58 9.85 -19.78
CA THR B 119 11.40 9.35 -19.08
C THR B 119 11.75 9.16 -17.61
N MET B 120 11.05 9.87 -16.75
CA MET B 120 11.31 9.79 -15.31
C MET B 120 10.89 8.44 -14.74
N TYR B 121 9.71 7.97 -15.16
CA TYR B 121 9.13 6.74 -14.61
C TYR B 121 8.65 5.80 -15.70
N HIS B 122 9.42 4.73 -15.91
CA HIS B 122 9.07 3.68 -16.85
C HIS B 122 8.99 2.35 -16.09
N TRP B 123 8.23 2.38 -14.99
CA TRP B 123 7.60 1.22 -14.35
C TRP B 123 8.42 0.57 -13.23
N ASP B 124 9.62 1.09 -12.97
CA ASP B 124 10.52 0.48 -11.99
C ASP B 124 10.50 1.18 -10.62
N LEU B 125 9.35 1.13 -9.96
CA LEU B 125 9.18 1.75 -8.65
C LEU B 125 10.12 1.11 -7.64
N PRO B 126 10.80 1.89 -6.81
CA PRO B 126 11.55 1.32 -5.69
C PRO B 126 10.65 0.45 -4.80
N GLN B 127 11.15 -0.72 -4.41
CA GLN B 127 10.34 -1.64 -3.63
C GLN B 127 9.93 -1.07 -2.27
N TYR B 128 10.76 -0.22 -1.67
CA TYR B 128 10.38 0.40 -0.40
C TYR B 128 9.07 1.19 -0.57
N LEU B 129 8.94 1.91 -1.67
CA LEU B 129 7.72 2.67 -1.95
C LEU B 129 6.55 1.74 -2.27
N GLN B 130 6.80 0.60 -2.90
CA GLN B 130 5.74 -0.38 -3.10
C GLN B 130 5.24 -0.96 -1.76
N ASP B 131 6.14 -1.08 -0.77
CA ASP B 131 5.74 -1.56 0.54
C ASP B 131 4.79 -0.57 1.25
N LEU B 132 4.75 0.69 0.80
CA LEU B 132 3.74 1.65 1.25
C LEU B 132 2.40 1.49 0.52
N GLY B 133 2.36 0.62 -0.49
CA GLY B 133 1.20 0.49 -1.36
C GLY B 133 1.44 1.01 -2.76
N GLY B 134 2.57 1.67 -3.00
CA GLY B 134 2.88 2.15 -4.34
C GLY B 134 1.81 3.10 -4.86
N TRP B 135 1.48 2.96 -6.15
CA TRP B 135 0.65 3.96 -6.82
C TRP B 135 -0.80 4.00 -6.37
N VAL B 136 -1.29 2.99 -5.66
CA VAL B 136 -2.64 3.05 -5.11
C VAL B 136 -2.71 3.80 -3.77
N ASN B 137 -1.54 4.21 -3.25
CA ASN B 137 -1.47 5.05 -2.07
C ASN B 137 -1.28 6.51 -2.51
N PRO B 138 -2.23 7.40 -2.21
CA PRO B 138 -2.14 8.80 -2.67
C PRO B 138 -0.87 9.54 -2.27
C PRO B 138 -0.87 9.54 -2.27
N ILE B 139 -0.19 9.11 -1.20
CA ILE B 139 1.05 9.78 -0.79
C ILE B 139 2.16 9.63 -1.84
N MET B 140 2.01 8.68 -2.74
CA MET B 140 3.03 8.43 -3.74
C MET B 140 3.27 9.63 -4.66
N SER B 141 2.27 10.48 -4.86
CA SER B 141 2.48 11.65 -5.71
C SER B 141 3.48 12.64 -5.11
N ASP B 142 3.53 12.75 -3.78
CA ASP B 142 4.53 13.60 -3.14
C ASP B 142 5.93 13.00 -3.25
N TYR B 143 6.05 11.68 -3.14
CA TYR B 143 7.34 11.03 -3.37
C TYR B 143 7.80 11.24 -4.81
N PHE B 144 6.88 11.15 -5.76
CA PHE B 144 7.23 11.41 -7.15
C PHE B 144 7.69 12.86 -7.37
N LYS B 145 6.97 13.81 -6.77
CA LYS B 145 7.36 15.21 -6.90
C LYS B 145 8.82 15.42 -6.45
N GLU B 146 9.20 14.81 -5.34
CA GLU B 146 10.56 14.98 -4.83
C GLU B 146 11.61 14.30 -5.71
N TYR B 147 11.23 13.17 -6.31
CA TYR B 147 12.08 12.49 -7.28
C TYR B 147 12.31 13.40 -8.49
N ALA B 148 11.23 13.96 -9.04
CA ALA B 148 11.34 14.90 -10.15
C ALA B 148 12.23 16.09 -9.78
N ARG B 149 12.10 16.61 -8.58
CA ARG B 149 12.94 17.72 -8.13
C ARG B 149 14.42 17.40 -8.28
N VAL B 150 14.81 16.19 -7.87
CA VAL B 150 16.19 15.77 -7.96
C VAL B 150 16.62 15.64 -9.42
N LEU B 151 15.77 15.04 -10.25
CA LEU B 151 16.10 14.92 -11.67
C LEU B 151 16.32 16.28 -12.32
N PHE B 152 15.42 17.23 -12.07
CA PHE B 152 15.58 18.57 -12.63
C PHE B 152 16.87 19.22 -12.13
N THR B 153 17.17 19.03 -10.85
CA THR B 153 18.33 19.65 -10.21
C THR B 153 19.64 19.13 -10.81
N TYR B 154 19.76 17.82 -10.97
CA TYR B 154 21.02 17.22 -11.42
C TYR B 154 21.17 17.17 -12.93
N PHE B 155 20.07 17.07 -13.66
CA PHE B 155 20.15 16.82 -15.11
C PHE B 155 19.53 17.90 -15.99
N GLY B 156 18.73 18.78 -15.42
CA GLY B 156 17.94 19.73 -16.21
C GLY B 156 18.71 20.86 -16.86
N ASP B 157 19.97 21.04 -16.48
CA ASP B 157 20.84 21.96 -17.19
C ASP B 157 21.13 21.49 -18.63
N ARG B 158 21.05 20.17 -18.84
CA ARG B 158 21.31 19.55 -20.15
C ARG B 158 20.06 18.89 -20.77
N VAL B 159 19.20 18.32 -19.94
CA VAL B 159 17.98 17.68 -20.42
C VAL B 159 16.85 18.70 -20.52
N LYS B 160 16.33 18.85 -21.73
CA LYS B 160 15.30 19.86 -22.05
C LYS B 160 13.99 19.24 -22.52
N TRP B 161 13.92 17.90 -22.57
CA TRP B 161 12.72 17.19 -22.98
C TRP B 161 12.49 16.07 -21.97
N TRP B 162 11.33 16.10 -21.32
CA TRP B 162 10.99 15.16 -20.26
C TRP B 162 9.64 14.50 -20.48
N ILE B 163 9.56 13.23 -20.12
CA ILE B 163 8.30 12.51 -19.96
C ILE B 163 8.22 12.12 -18.49
N THR B 164 7.13 12.47 -17.81
CA THR B 164 6.99 12.09 -16.40
C THR B 164 6.72 10.58 -16.30
N PHE B 165 5.61 10.15 -16.89
CA PHE B 165 5.16 8.76 -16.84
C PHE B 165 5.07 8.15 -18.22
N ASN B 166 5.63 6.95 -18.36
CA ASN B 166 5.39 6.12 -19.52
C ASN B 166 4.17 5.23 -19.31
N GLU B 167 3.18 5.34 -20.20
CA GLU B 167 2.03 4.43 -20.21
C GLU B 167 1.38 4.23 -18.84
N PRO B 168 0.81 5.29 -18.28
CA PRO B 168 0.14 5.15 -17.00
C PRO B 168 -0.92 4.05 -16.98
N ILE B 169 -1.57 3.76 -18.11
CA ILE B 169 -2.56 2.67 -18.13
C ILE B 169 -1.90 1.32 -17.78
N ALA B 170 -0.67 1.10 -18.26
CA ALA B 170 0.04 -0.15 -17.99
C ALA B 170 0.46 -0.23 -16.54
N VAL B 171 0.89 0.89 -15.98
CA VAL B 171 1.22 0.95 -14.55
C VAL B 171 -0.02 0.51 -13.75
N CYS B 172 -1.19 1.04 -14.11
CA CYS B 172 -2.44 0.68 -13.45
C CYS B 172 -2.72 -0.83 -13.53
N LYS B 173 -2.50 -1.41 -14.71
CA LYS B 173 -2.76 -2.82 -14.93
C LYS B 173 -1.88 -3.73 -14.07
N GLY B 174 -0.72 -3.23 -13.64
CA GLY B 174 0.11 -3.98 -12.69
C GLY B 174 -0.52 -4.12 -11.31
N TYR B 175 -1.41 -3.18 -10.97
CA TYR B 175 -2.16 -3.22 -9.72
C TYR B 175 -3.51 -3.91 -9.87
N SER B 176 -4.11 -3.84 -11.06
CA SER B 176 -5.51 -4.24 -11.21
C SER B 176 -5.73 -5.63 -11.77
N ILE B 177 -4.90 -6.07 -12.72
CA ILE B 177 -5.17 -7.31 -13.47
C ILE B 177 -3.94 -8.22 -13.61
N LYS B 178 -2.98 -8.10 -12.71
CA LYS B 178 -1.80 -8.99 -12.71
C LYS B 178 -1.11 -9.04 -14.07
N ALA B 179 -0.95 -7.89 -14.72
CA ALA B 179 -0.38 -7.83 -16.06
C ALA B 179 1.09 -7.40 -16.07
N TYR B 180 1.54 -6.81 -14.97
CA TYR B 180 2.88 -6.25 -14.81
C TYR B 180 3.16 -6.27 -13.30
N ALA B 181 4.41 -6.00 -12.90
CA ALA B 181 4.70 -5.73 -11.49
C ALA B 181 3.85 -4.54 -11.03
N PRO B 182 3.38 -4.52 -9.77
CA PRO B 182 3.67 -5.49 -8.71
C PRO B 182 2.80 -6.77 -8.72
N ASN B 183 2.07 -7.01 -9.80
CA ASN B 183 1.36 -8.27 -10.02
C ASN B 183 0.22 -8.49 -9.03
N LEU B 184 -0.58 -7.45 -8.83
CA LEU B 184 -1.74 -7.50 -7.95
C LEU B 184 -3.02 -7.54 -8.77
N ASN B 185 -4.10 -7.96 -8.09
CA ASN B 185 -5.39 -8.18 -8.72
C ASN B 185 -6.48 -7.36 -8.02
N LEU B 186 -6.22 -6.06 -7.93
CA LEU B 186 -7.13 -5.15 -7.22
C LEU B 186 -8.36 -4.75 -8.03
N LYS B 187 -8.41 -5.15 -9.30
CA LYS B 187 -9.57 -4.92 -10.17
C LYS B 187 -9.77 -3.42 -10.41
N THR B 188 -10.97 -3.02 -10.86
CA THR B 188 -11.16 -1.64 -11.28
C THR B 188 -10.95 -0.64 -10.15
N THR B 189 -11.26 -1.03 -8.91
CA THR B 189 -10.99 -0.16 -7.77
C THR B 189 -9.51 0.25 -7.72
N GLY B 190 -8.62 -0.73 -7.81
CA GLY B 190 -7.18 -0.42 -7.81
C GLY B 190 -6.76 0.32 -9.08
N HIS B 191 -7.36 -0.07 -10.20
CA HIS B 191 -7.08 0.55 -11.49
C HIS B 191 -7.18 2.08 -11.42
N TYR B 192 -8.32 2.57 -10.91
CA TYR B 192 -8.53 4.01 -10.87
C TYR B 192 -7.73 4.70 -9.79
N LEU B 193 -7.50 4.04 -8.66
CA LEU B 193 -6.65 4.62 -7.61
C LEU B 193 -5.24 4.88 -8.15
N ALA B 194 -4.68 3.92 -8.87
CA ALA B 194 -3.34 4.07 -9.43
C ALA B 194 -3.30 5.15 -10.50
N GLY B 195 -4.35 5.26 -11.31
CA GLY B 195 -4.40 6.30 -12.34
C GLY B 195 -4.46 7.69 -11.74
N HIS B 196 -5.25 7.84 -10.68
CA HIS B 196 -5.45 9.12 -10.01
C HIS B 196 -4.13 9.62 -9.41
N THR B 197 -3.42 8.72 -8.75
CA THR B 197 -2.17 9.10 -8.09
C THR B 197 -1.11 9.48 -9.12
N GLN B 198 -1.01 8.73 -10.20
CA GLN B 198 -0.06 9.08 -11.26
C GLN B 198 -0.39 10.46 -11.85
N LEU B 199 -1.68 10.74 -12.06
CA LEU B 199 -2.06 12.04 -12.60
C LEU B 199 -1.68 13.17 -11.66
N ILE B 200 -1.99 13.03 -10.38
CA ILE B 200 -1.62 14.07 -9.42
C ILE B 200 -0.09 14.23 -9.36
C ILE B 200 -0.10 14.23 -9.37
N ALA B 201 0.63 13.12 -9.43
CA ALA B 201 2.09 13.14 -9.47
C ALA B 201 2.61 13.93 -10.67
N HIS B 202 2.03 13.65 -11.84
CA HIS B 202 2.38 14.36 -13.06
C HIS B 202 2.17 15.87 -12.89
N GLY B 203 0.99 16.24 -12.40
CA GLY B 203 0.68 17.65 -12.20
C GLY B 203 1.62 18.33 -11.23
N LYS B 204 1.92 17.66 -10.11
CA LYS B 204 2.83 18.21 -9.13
C LYS B 204 4.21 18.41 -9.74
N ALA B 205 4.69 17.45 -10.53
CA ALA B 205 6.00 17.57 -11.15
C ALA B 205 6.04 18.70 -12.18
N TYR B 206 4.99 18.83 -12.97
CA TYR B 206 4.93 19.88 -14.00
C TYR B 206 4.93 21.27 -13.34
N ARG B 207 4.13 21.44 -12.30
CA ARG B 207 4.04 22.75 -11.64
C ARG B 207 5.32 23.09 -10.88
N LEU B 208 5.96 22.08 -10.28
CA LEU B 208 7.27 22.28 -9.69
C LEU B 208 8.26 22.78 -10.74
N TYR B 209 8.28 22.12 -11.89
CA TYR B 209 9.17 22.53 -12.98
C TYR B 209 8.89 24.00 -13.35
N GLU B 210 7.62 24.29 -13.60
CA GLU B 210 7.18 25.62 -14.02
C GLU B 210 7.66 26.72 -13.06
C GLU B 210 7.67 26.71 -13.07
N GLU B 211 7.55 26.45 -11.77
CA GLU B 211 7.91 27.44 -10.75
C GLU B 211 9.41 27.55 -10.49
N MET B 212 10.08 26.41 -10.39
CA MET B 212 11.43 26.38 -9.84
C MET B 212 12.57 26.13 -10.83
N PHE B 213 12.26 25.56 -12.00
CA PHE B 213 13.30 25.12 -12.92
C PHE B 213 13.19 25.68 -14.33
N LYS B 214 11.96 25.76 -14.86
CA LYS B 214 11.74 26.24 -16.22
C LYS B 214 12.32 27.64 -16.49
N PRO B 215 12.21 28.59 -15.56
CA PRO B 215 12.78 29.92 -15.81
C PRO B 215 14.27 29.92 -16.19
N THR B 216 15.04 28.99 -15.66
CA THR B 216 16.46 28.86 -16.02
C THR B 216 16.73 27.78 -17.06
N GLN B 217 15.94 26.69 -17.06
CA GLN B 217 16.24 25.53 -17.89
C GLN B 217 15.51 25.52 -19.23
N ASN B 218 14.33 26.12 -19.29
CA ASN B 218 13.60 26.35 -20.54
C ASN B 218 13.22 25.08 -21.34
C ASN B 218 13.37 25.04 -21.32
N GLY B 219 12.90 24.01 -20.62
CA GLY B 219 12.59 22.73 -21.25
C GLY B 219 11.10 22.48 -21.38
N LYS B 220 10.78 21.27 -21.82
CA LYS B 220 9.40 20.85 -22.10
C LYS B 220 9.10 19.53 -21.40
N ILE B 221 7.85 19.38 -20.96
CA ILE B 221 7.37 18.18 -20.26
C ILE B 221 6.10 17.64 -20.90
N SER B 222 6.01 16.32 -21.00
CA SER B 222 4.76 15.66 -21.32
C SER B 222 4.64 14.35 -20.55
N ILE B 223 3.65 13.55 -20.94
CA ILE B 223 3.34 12.26 -20.35
C ILE B 223 2.96 11.36 -21.51
N SER B 224 3.57 10.18 -21.59
CA SER B 224 3.38 9.29 -22.75
C SER B 224 2.11 8.46 -22.56
N ILE B 225 1.04 8.91 -23.22
CA ILE B 225 -0.27 8.28 -23.08
C ILE B 225 -0.44 7.25 -24.19
N SER B 226 -0.80 6.04 -23.79
CA SER B 226 -0.87 4.89 -24.67
C SER B 226 -2.28 4.35 -24.76
N GLY B 227 -2.42 3.15 -25.33
CA GLY B 227 -3.68 2.43 -25.31
C GLY B 227 -3.99 1.81 -26.65
N VAL B 228 -4.87 0.82 -26.63
CA VAL B 228 -5.39 0.27 -27.87
C VAL B 228 -6.38 1.28 -28.43
N PHE B 229 -6.29 1.57 -29.73
CA PHE B 229 -7.25 2.47 -30.37
C PHE B 229 -8.47 1.69 -30.82
N PHE B 230 -9.65 2.27 -30.64
CA PHE B 230 -10.90 1.59 -30.93
C PHE B 230 -11.68 2.25 -32.06
N MET B 231 -12.18 1.39 -32.97
CA MET B 231 -12.99 1.82 -34.10
C MET B 231 -14.29 1.01 -34.08
N PRO B 232 -15.38 1.57 -34.61
CA PRO B 232 -16.65 0.87 -34.59
C PRO B 232 -16.63 -0.40 -35.44
N LYS B 233 -17.15 -1.49 -34.89
CA LYS B 233 -17.21 -2.77 -35.62
C LYS B 233 -18.00 -2.61 -36.92
N ASN B 234 -19.15 -1.97 -36.82
CA ASN B 234 -19.93 -1.55 -37.99
C ASN B 234 -19.80 -0.04 -38.10
N ALA B 235 -19.06 0.42 -39.10
CA ALA B 235 -18.79 1.85 -39.28
C ALA B 235 -20.04 2.68 -39.57
N GLU B 236 -21.12 2.03 -39.99
CA GLU B 236 -22.40 2.71 -40.25
C GLU B 236 -23.37 2.65 -39.06
N SER B 237 -22.95 2.04 -37.95
CA SER B 237 -23.80 1.92 -36.76
C SER B 237 -23.53 3.06 -35.78
N ASP B 238 -24.55 3.88 -35.53
CA ASP B 238 -24.46 4.94 -34.53
C ASP B 238 -24.11 4.37 -33.15
N ASP B 239 -24.67 3.22 -32.81
CA ASP B 239 -24.37 2.55 -31.54
C ASP B 239 -22.90 2.20 -31.42
N ASP B 240 -22.33 1.59 -32.47
CA ASP B 240 -20.91 1.24 -32.47
C ASP B 240 -20.00 2.46 -32.45
N ILE B 241 -20.40 3.53 -33.15
CA ILE B 241 -19.64 4.78 -33.13
C ILE B 241 -19.59 5.33 -31.70
N GLU B 242 -20.72 5.31 -31.01
CA GLU B 242 -20.78 5.77 -29.62
C GLU B 242 -19.94 4.88 -28.72
N THR B 243 -20.03 3.56 -28.92
CA THR B 243 -19.23 2.62 -28.16
C THR B 243 -17.74 2.90 -28.32
N ALA B 244 -17.30 3.13 -29.56
CA ALA B 244 -15.89 3.43 -29.83
C ALA B 244 -15.43 4.71 -29.14
N GLU B 245 -16.25 5.76 -29.18
CA GLU B 245 -15.91 7.00 -28.51
C GLU B 245 -15.76 6.79 -27.00
N ARG B 246 -16.70 6.06 -26.40
CA ARG B 246 -16.64 5.75 -24.97
C ARG B 246 -15.38 4.93 -24.65
N ALA B 247 -15.12 3.90 -25.45
CA ALA B 247 -13.93 3.06 -25.25
C ALA B 247 -12.64 3.88 -25.36
N ASN B 248 -12.58 4.78 -26.33
CA ASN B 248 -11.41 5.65 -26.51
C ASN B 248 -11.23 6.61 -25.35
N GLN B 249 -12.32 7.20 -24.86
CA GLN B 249 -12.22 8.08 -23.69
C GLN B 249 -11.75 7.30 -22.46
N PHE B 250 -12.27 6.10 -22.26
CA PHE B 250 -11.84 5.26 -21.13
C PHE B 250 -10.37 4.84 -21.23
N GLU B 251 -9.89 4.64 -22.45
CA GLU B 251 -8.54 4.11 -22.66
C GLU B 251 -7.48 5.20 -22.48
N ARG B 252 -7.66 6.31 -23.18
CA ARG B 252 -6.67 7.38 -23.20
C ARG B 252 -7.20 8.75 -22.76
N GLY B 253 -8.50 9.00 -22.92
CA GLY B 253 -9.09 10.24 -22.40
C GLY B 253 -8.94 10.34 -20.90
N TRP B 254 -8.95 9.18 -20.24
CA TRP B 254 -8.68 9.03 -18.81
C TRP B 254 -7.53 9.93 -18.36
N PHE B 255 -6.43 9.90 -19.12
CA PHE B 255 -5.23 10.68 -18.80
C PHE B 255 -5.14 12.00 -19.55
N GLY B 256 -5.61 12.04 -20.80
CA GLY B 256 -5.52 13.25 -21.61
C GLY B 256 -6.49 14.34 -21.20
N HIS B 257 -7.70 13.96 -20.81
CA HIS B 257 -8.71 14.96 -20.49
C HIS B 257 -8.28 15.81 -19.28
N PRO B 258 -7.79 15.23 -18.19
CA PRO B 258 -7.31 16.07 -17.08
C PRO B 258 -6.16 17.01 -17.45
N VAL B 259 -5.28 16.54 -18.34
CA VAL B 259 -4.07 17.27 -18.67
C VAL B 259 -4.32 18.39 -19.68
C VAL B 259 -4.32 18.40 -19.68
N TYR B 260 -5.31 18.22 -20.55
CA TYR B 260 -5.64 19.20 -21.61
C TYR B 260 -6.91 19.99 -21.37
N LYS B 261 -7.97 19.31 -20.93
CA LYS B 261 -9.32 19.90 -20.92
C LYS B 261 -9.85 20.23 -19.54
N GLY B 262 -9.33 19.57 -18.51
CA GLY B 262 -9.80 19.74 -17.14
C GLY B 262 -10.68 18.58 -16.72
N ASP B 263 -10.29 17.90 -15.64
CA ASP B 263 -11.06 16.81 -15.04
C ASP B 263 -11.02 15.55 -15.92
N TYR B 264 -11.59 14.47 -15.42
CA TYR B 264 -11.76 13.24 -16.19
C TYR B 264 -12.81 13.45 -17.29
N PRO B 265 -12.79 12.60 -18.33
CA PRO B 265 -13.84 12.68 -19.34
C PRO B 265 -15.21 12.54 -18.69
N PRO B 266 -16.16 13.40 -19.06
CA PRO B 266 -17.53 13.27 -18.55
C PRO B 266 -18.11 11.86 -18.67
N ILE B 267 -17.83 11.16 -19.76
CA ILE B 267 -18.40 9.83 -19.95
C ILE B 267 -17.85 8.81 -18.94
N MET B 268 -16.61 8.99 -18.50
CA MET B 268 -16.04 8.11 -17.47
C MET B 268 -16.72 8.33 -16.13
N LYS B 269 -16.93 9.59 -15.78
CA LYS B 269 -17.62 9.90 -14.53
C LYS B 269 -19.02 9.29 -14.55
N LYS B 270 -19.72 9.46 -15.67
CA LYS B 270 -21.08 8.93 -15.80
C LYS B 270 -21.11 7.43 -15.64
N TRP B 271 -20.28 6.73 -16.41
CA TRP B 271 -20.32 5.27 -16.43
C TRP B 271 -19.74 4.63 -15.16
N VAL B 272 -18.60 5.11 -14.69
CA VAL B 272 -18.01 4.51 -13.48
C VAL B 272 -18.89 4.80 -12.25
N ASP B 273 -19.42 6.01 -12.13
CA ASP B 273 -20.29 6.31 -10.99
C ASP B 273 -21.51 5.38 -10.97
N GLN B 274 -22.10 5.14 -12.14
CA GLN B 274 -23.27 4.26 -12.25
C GLN B 274 -22.92 2.80 -11.97
N LYS B 275 -21.85 2.29 -12.56
CA LYS B 275 -21.40 0.93 -12.29
C LYS B 275 -21.13 0.74 -10.79
N SER B 276 -20.52 1.74 -10.16
CA SER B 276 -20.20 1.67 -8.74
C SER B 276 -21.46 1.58 -7.88
N LYS B 277 -22.48 2.36 -8.24
CA LYS B 277 -23.78 2.29 -7.56
C LYS B 277 -24.41 0.91 -7.71
N GLU B 278 -24.34 0.35 -8.92
CA GLU B 278 -24.87 -0.99 -9.20
C GLU B 278 -24.17 -2.07 -8.36
N GLU B 279 -22.88 -1.88 -8.10
CA GLU B 279 -22.11 -2.79 -7.26
C GLU B 279 -22.38 -2.62 -5.76
N GLY B 280 -23.14 -1.59 -5.40
CA GLY B 280 -23.46 -1.32 -4.00
C GLY B 280 -22.31 -0.68 -3.23
N LEU B 281 -21.38 -0.04 -3.95
CA LEU B 281 -20.23 0.59 -3.30
C LEU B 281 -20.63 1.93 -2.66
N PRO B 282 -20.01 2.27 -1.54
CA PRO B 282 -20.34 3.49 -0.80
C PRO B 282 -19.85 4.79 -1.46
N TRP B 283 -18.93 4.68 -2.41
CA TRP B 283 -18.49 5.83 -3.22
C TRP B 283 -18.01 5.31 -4.56
N SER B 284 -17.96 6.19 -5.55
CA SER B 284 -17.54 5.78 -6.88
C SER B 284 -16.12 5.25 -6.89
N LYS B 285 -15.88 4.24 -7.72
CA LYS B 285 -14.53 3.73 -7.95
C LYS B 285 -13.62 4.78 -8.60
N LEU B 286 -14.19 5.78 -9.27
CA LEU B 286 -13.39 6.83 -9.88
C LEU B 286 -13.24 7.97 -8.88
N PRO B 287 -12.03 8.23 -8.38
CA PRO B 287 -11.83 9.32 -7.44
C PRO B 287 -12.21 10.68 -8.04
N LYS B 288 -12.58 11.61 -7.18
CA LYS B 288 -12.98 12.94 -7.61
C LYS B 288 -11.86 13.94 -7.38
N PHE B 289 -11.49 14.66 -8.43
CA PHE B 289 -10.55 15.76 -8.30
C PHE B 289 -11.22 16.92 -7.57
N THR B 290 -10.45 17.62 -6.74
CA THR B 290 -10.92 18.88 -6.18
C THR B 290 -10.76 19.96 -7.23
N LYS B 291 -11.40 21.10 -7.00
CA LYS B 291 -11.23 22.26 -7.87
C LYS B 291 -9.75 22.59 -8.06
N ASP B 292 -9.00 22.60 -6.96
CA ASP B 292 -7.57 22.93 -7.01
C ASP B 292 -6.78 21.90 -7.83
N GLU B 293 -7.14 20.62 -7.71
CA GLU B 293 -6.46 19.58 -8.48
C GLU B 293 -6.77 19.66 -9.97
N ILE B 294 -8.00 20.05 -10.32
CA ILE B 294 -8.35 20.25 -11.73
C ILE B 294 -7.45 21.34 -12.32
N LYS B 295 -7.30 22.44 -11.58
CA LYS B 295 -6.41 23.53 -12.00
C LYS B 295 -4.95 23.08 -12.05
N LEU B 296 -4.52 22.31 -11.06
CA LEU B 296 -3.16 21.75 -11.04
C LEU B 296 -2.84 21.06 -12.35
N LEU B 297 -3.77 20.24 -12.82
CA LEU B 297 -3.53 19.35 -13.96
C LEU B 297 -3.77 19.96 -15.33
N LYS B 298 -4.73 20.87 -15.43
CA LYS B 298 -5.09 21.41 -16.74
C LYS B 298 -3.98 22.30 -17.29
N GLY B 299 -3.41 21.90 -18.42
CA GLY B 299 -2.33 22.63 -19.08
C GLY B 299 -0.94 22.08 -18.81
N THR B 300 -0.84 20.86 -18.27
CA THR B 300 0.46 20.30 -17.89
C THR B 300 1.10 19.41 -18.96
N ALA B 301 0.98 19.80 -20.22
CA ALA B 301 1.70 19.11 -21.30
C ALA B 301 2.12 20.11 -22.36
N ASP B 302 3.41 20.22 -22.59
CA ASP B 302 3.95 21.19 -23.55
C ASP B 302 3.93 20.65 -24.98
N PHE B 303 3.69 19.34 -25.10
CA PHE B 303 3.46 18.65 -26.36
C PHE B 303 2.67 17.40 -25.99
N TYR B 304 2.00 16.79 -26.95
CA TYR B 304 1.34 15.52 -26.71
C TYR B 304 2.32 14.40 -27.00
N ALA B 305 2.49 13.48 -26.05
CA ALA B 305 3.37 12.32 -26.23
C ALA B 305 2.51 11.08 -26.38
N LEU B 306 2.61 10.42 -27.54
CA LEU B 306 1.80 9.27 -27.88
C LEU B 306 2.64 8.00 -28.00
N ASN B 307 2.28 6.97 -27.25
CA ASN B 307 2.77 5.61 -27.52
C ASN B 307 1.65 4.88 -28.24
N HIS B 308 1.96 4.17 -29.31
CA HIS B 308 0.92 3.48 -30.07
C HIS B 308 1.43 2.22 -30.74
N TYR B 309 0.61 1.17 -30.69
CA TYR B 309 0.93 -0.12 -31.29
C TYR B 309 -0.19 -0.71 -32.16
N SER B 310 -1.40 -0.81 -31.63
CA SER B 310 -2.46 -1.51 -32.36
C SER B 310 -3.85 -0.97 -32.04
N SER B 311 -4.83 -1.55 -32.75
CA SER B 311 -6.21 -1.12 -32.70
C SER B 311 -7.15 -2.33 -32.69
N ARG B 312 -8.37 -2.11 -32.24
CA ARG B 312 -9.41 -3.14 -32.29
C ARG B 312 -10.76 -2.55 -32.69
N LEU B 313 -11.61 -3.39 -33.24
CA LEU B 313 -13.01 -3.03 -33.50
C LEU B 313 -13.80 -3.27 -32.22
N VAL B 314 -14.84 -2.45 -32.01
CA VAL B 314 -15.67 -2.59 -30.81
C VAL B 314 -17.16 -2.46 -31.08
N THR B 315 -17.92 -3.13 -30.22
CA THR B 315 -19.36 -2.99 -30.16
C THR B 315 -19.75 -3.20 -28.69
N PHE B 316 -20.95 -2.79 -28.31
CA PHE B 316 -21.39 -2.93 -26.92
C PHE B 316 -21.34 -4.41 -26.52
N GLY B 317 -20.83 -4.67 -25.32
CA GLY B 317 -20.78 -6.02 -24.80
C GLY B 317 -19.80 -6.18 -23.65
N SER B 318 -19.36 -7.42 -23.44
CA SER B 318 -18.41 -7.76 -22.37
C SER B 318 -17.24 -8.50 -22.99
N ASP B 319 -16.03 -8.08 -22.65
CA ASP B 319 -14.83 -8.66 -23.21
C ASP B 319 -14.18 -9.62 -22.21
N PRO B 320 -13.84 -10.83 -22.62
CA PRO B 320 -13.17 -11.77 -21.71
C PRO B 320 -11.73 -11.39 -21.33
N ASN B 321 -11.10 -10.53 -22.11
CA ASN B 321 -9.74 -10.08 -21.83
C ASN B 321 -9.79 -8.93 -20.82
N PRO B 322 -9.19 -9.11 -19.63
CA PRO B 322 -9.25 -8.08 -18.60
C PRO B 322 -8.51 -6.79 -18.94
N ASN B 323 -7.74 -6.78 -20.03
CA ASN B 323 -7.12 -5.55 -20.51
C ASN B 323 -8.09 -4.49 -20.98
N PHE B 324 -9.33 -4.90 -21.25
CA PHE B 324 -10.35 -3.98 -21.74
C PHE B 324 -11.32 -3.68 -20.61
N ASN B 325 -11.44 -2.41 -20.27
CA ASN B 325 -12.10 -1.99 -19.05
C ASN B 325 -13.58 -2.36 -19.04
N PRO B 326 -14.00 -3.23 -18.11
CA PRO B 326 -15.39 -3.69 -18.11
C PRO B 326 -16.41 -2.61 -17.75
N ASP B 327 -15.97 -1.55 -17.07
CA ASP B 327 -16.86 -0.44 -16.74
C ASP B 327 -17.36 0.29 -17.99
N ALA B 328 -16.68 0.09 -19.13
CA ALA B 328 -17.07 0.74 -20.38
C ALA B 328 -17.92 -0.15 -21.31
N SER B 329 -18.14 -1.40 -20.93
CA SER B 329 -19.05 -2.29 -21.65
C SER B 329 -18.84 -2.32 -23.16
N TYR B 330 -17.62 -2.68 -23.57
CA TYR B 330 -17.35 -2.96 -24.98
C TYR B 330 -16.63 -4.29 -25.13
N VAL B 331 -16.93 -4.97 -26.24
CA VAL B 331 -16.21 -6.19 -26.60
C VAL B 331 -15.42 -5.92 -27.88
N THR B 332 -14.15 -6.36 -27.87
CA THR B 332 -13.27 -6.13 -28.99
C THR B 332 -13.33 -7.27 -29.99
N SER B 333 -12.93 -6.95 -31.22
CA SER B 333 -12.76 -7.95 -32.26
C SER B 333 -11.68 -7.48 -33.23
N VAL B 334 -11.25 -8.39 -34.08
CA VAL B 334 -10.24 -8.11 -35.09
C VAL B 334 -10.85 -8.29 -36.47
N ASP B 335 -10.59 -7.34 -37.36
CA ASP B 335 -10.97 -7.48 -38.76
C ASP B 335 -10.16 -8.64 -39.33
N GLU B 336 -10.84 -9.57 -39.99
CA GLU B 336 -10.16 -10.71 -40.62
C GLU B 336 -9.07 -10.27 -41.59
N ALA B 337 -9.27 -9.11 -42.22
CA ALA B 337 -8.29 -8.53 -43.13
C ALA B 337 -6.95 -8.18 -42.46
N TRP B 338 -6.96 -8.00 -41.14
CA TRP B 338 -5.73 -7.70 -40.40
C TRP B 338 -4.89 -8.95 -40.14
N LEU B 339 -5.49 -10.12 -40.28
CA LEU B 339 -4.80 -11.38 -40.02
C LEU B 339 -4.27 -11.98 -41.31
N LYS B 340 -3.07 -12.55 -41.25
CA LYS B 340 -2.46 -13.24 -42.38
C LYS B 340 -2.64 -14.75 -42.19
N PRO B 341 -2.52 -15.54 -43.27
CA PRO B 341 -2.61 -16.99 -43.17
C PRO B 341 -1.40 -17.60 -42.45
N ASN B 342 -1.33 -17.37 -41.15
CA ASN B 342 -0.21 -17.81 -40.29
C ASN B 342 -0.51 -17.48 -38.83
N GLU B 343 0.47 -17.66 -37.95
CA GLU B 343 0.31 -17.31 -36.53
C GLU B 343 0.17 -15.80 -36.34
N THR B 344 -0.69 -15.42 -35.39
CA THR B 344 -0.98 -14.02 -35.12
C THR B 344 0.17 -13.37 -34.35
N PRO B 345 0.62 -12.20 -34.81
CA PRO B 345 1.73 -11.52 -34.15
C PRO B 345 1.38 -10.89 -32.81
N TYR B 346 2.42 -10.57 -32.05
CA TYR B 346 2.31 -9.92 -30.76
C TYR B 346 1.59 -8.57 -30.87
N ILE B 347 1.97 -7.79 -31.89
CA ILE B 347 1.29 -6.54 -32.25
C ILE B 347 0.59 -6.76 -33.59
N ILE B 348 -0.74 -6.68 -33.62
CA ILE B 348 -1.47 -6.85 -34.88
C ILE B 348 -1.35 -5.54 -35.67
N PRO B 349 -0.79 -5.59 -36.89
CA PRO B 349 -0.67 -4.37 -37.69
C PRO B 349 -2.02 -3.78 -38.14
N VAL B 350 -2.32 -2.57 -37.70
CA VAL B 350 -3.50 -1.82 -38.14
C VAL B 350 -3.06 -0.37 -38.40
N PRO B 351 -2.30 -0.14 -39.47
CA PRO B 351 -1.75 1.20 -39.73
C PRO B 351 -2.82 2.29 -39.85
N GLU B 352 -3.98 1.97 -40.41
CA GLU B 352 -5.07 2.96 -40.52
C GLU B 352 -5.53 3.42 -39.13
N GLY B 353 -5.37 2.56 -38.13
CA GLY B 353 -5.69 2.91 -36.75
C GLY B 353 -4.84 4.06 -36.25
N LEU B 354 -3.57 4.09 -36.61
CA LEU B 354 -2.71 5.21 -36.21
C LEU B 354 -3.18 6.51 -36.88
N ARG B 355 -3.48 6.46 -38.17
CA ARG B 355 -3.98 7.65 -38.85
C ARG B 355 -5.25 8.17 -38.16
N LYS B 356 -6.19 7.27 -37.92
CA LYS B 356 -7.45 7.64 -37.30
C LYS B 356 -7.27 8.13 -35.84
N LEU B 357 -6.34 7.52 -35.12
CA LEU B 357 -6.01 7.98 -33.77
C LEU B 357 -5.40 9.38 -33.77
N LEU B 358 -4.50 9.66 -34.72
CA LEU B 358 -3.92 11.00 -34.82
C LEU B 358 -5.00 12.04 -35.08
N ILE B 359 -5.96 11.71 -35.94
CA ILE B 359 -7.11 12.58 -36.20
C ILE B 359 -7.95 12.77 -34.92
N TRP B 360 -8.19 11.67 -34.21
CA TRP B 360 -8.96 11.71 -32.96
C TRP B 360 -8.31 12.67 -31.95
N LEU B 361 -6.99 12.54 -31.78
CA LEU B 361 -6.25 13.39 -30.85
C LEU B 361 -6.25 14.85 -31.29
N LYS B 362 -6.05 15.08 -32.59
CA LYS B 362 -6.13 16.43 -33.15
C LYS B 362 -7.45 17.09 -32.78
N ASN B 363 -8.55 16.39 -33.01
CA ASN B 363 -9.88 16.95 -32.78
C ASN B 363 -10.24 17.08 -31.30
N GLU B 364 -9.80 16.12 -30.49
CA GLU B 364 -10.13 16.13 -29.07
C GLU B 364 -9.36 17.21 -28.31
N TYR B 365 -8.10 17.46 -28.69
CA TYR B 365 -7.21 18.31 -27.89
C TYR B 365 -6.71 19.58 -28.60
N GLY B 366 -7.31 19.92 -29.75
CA GLY B 366 -6.98 21.17 -30.43
C GLY B 366 -5.64 21.13 -31.16
N ASN B 367 -5.35 19.98 -31.78
CA ASN B 367 -4.15 19.79 -32.59
C ASN B 367 -2.83 20.19 -31.91
N PRO B 368 -2.54 19.60 -30.76
CA PRO B 368 -1.29 19.89 -30.08
C PRO B 368 -0.12 19.37 -30.91
N GLN B 369 1.04 20.01 -30.77
CA GLN B 369 2.26 19.43 -31.30
C GLN B 369 2.38 18.04 -30.69
N LEU B 370 2.57 17.03 -31.54
CA LEU B 370 2.50 15.64 -31.08
C LEU B 370 3.75 14.88 -31.46
N LEU B 371 4.38 14.28 -30.45
CA LEU B 371 5.54 13.43 -30.64
C LEU B 371 5.11 11.99 -30.40
N ILE B 372 5.29 11.13 -31.40
CA ILE B 372 5.06 9.70 -31.20
C ILE B 372 6.30 9.19 -30.46
N THR B 373 6.13 8.90 -29.16
CA THR B 373 7.25 8.48 -28.31
C THR B 373 7.51 6.98 -28.33
N GLU B 374 6.58 6.18 -28.86
CA GLU B 374 6.83 4.76 -29.14
C GLU B 374 5.93 4.26 -30.25
N ASN B 375 6.51 3.48 -31.15
CA ASN B 375 5.77 2.69 -32.12
C ASN B 375 6.72 1.58 -32.56
N GLY B 376 6.22 0.36 -32.73
CA GLY B 376 7.07 -0.74 -33.15
C GLY B 376 6.37 -2.07 -33.21
N TYR B 377 7.13 -3.09 -33.62
CA TYR B 377 6.63 -4.43 -33.87
C TYR B 377 7.64 -5.44 -33.38
N GLY B 378 7.17 -6.47 -32.69
CA GLY B 378 8.02 -7.47 -32.06
C GLY B 378 7.82 -8.85 -32.66
N ASP B 379 8.91 -9.57 -32.87
CA ASP B 379 8.85 -10.88 -33.52
C ASP B 379 9.77 -11.91 -32.83
N ASP B 380 10.04 -13.02 -33.51
CA ASP B 380 10.84 -14.10 -32.94
C ASP B 380 12.34 -13.84 -32.95
N GLY B 381 12.76 -12.70 -33.52
CA GLY B 381 14.15 -12.26 -33.42
C GLY B 381 15.00 -12.52 -34.64
N GLN B 382 14.38 -13.05 -35.71
CA GLN B 382 15.03 -13.21 -37.02
C GLN B 382 15.78 -11.95 -37.44
N LEU B 383 16.97 -12.10 -38.03
CA LEU B 383 17.71 -10.94 -38.55
C LEU B 383 17.02 -10.35 -39.78
N ASP B 384 16.36 -11.22 -40.54
CA ASP B 384 15.63 -10.80 -41.74
C ASP B 384 14.20 -10.44 -41.36
N ASP B 385 14.08 -9.32 -40.65
CA ASP B 385 12.84 -8.94 -39.97
C ASP B 385 11.92 -8.12 -40.89
N PHE B 386 11.48 -8.76 -41.96
CA PHE B 386 10.72 -8.09 -43.01
C PHE B 386 9.31 -7.73 -42.56
N GLU B 387 8.71 -8.52 -41.68
CA GLU B 387 7.39 -8.18 -41.14
C GLU B 387 7.47 -6.91 -40.29
N LYS B 388 8.55 -6.78 -39.52
CA LYS B 388 8.79 -5.56 -38.74
C LYS B 388 8.94 -4.35 -39.65
N ILE B 389 9.72 -4.50 -40.72
CA ILE B 389 9.89 -3.41 -41.70
C ILE B 389 8.56 -2.99 -42.30
N SER B 390 7.73 -3.96 -42.67
CA SER B 390 6.42 -3.67 -43.26
C SER B 390 5.54 -2.87 -42.31
C SER B 390 5.53 -2.88 -42.30
N TYR B 391 5.53 -3.28 -41.04
CA TYR B 391 4.80 -2.57 -40.00
C TYR B 391 5.29 -1.11 -39.91
N LEU B 392 6.59 -0.93 -39.76
CA LEU B 392 7.13 0.42 -39.63
C LEU B 392 6.80 1.28 -40.85
N LYS B 393 7.01 0.73 -42.05
CA LYS B 393 6.71 1.44 -43.29
C LYS B 393 5.26 1.90 -43.33
N ASN B 394 4.34 0.99 -43.01
CA ASN B 394 2.92 1.29 -43.11
C ASN B 394 2.47 2.29 -42.06
N TYR B 395 3.00 2.19 -40.84
CA TYR B 395 2.65 3.14 -39.78
C TYR B 395 3.26 4.51 -40.06
N LEU B 396 4.47 4.54 -40.61
CA LEU B 396 5.08 5.81 -41.04
C LEU B 396 4.27 6.48 -42.15
N ASN B 397 3.80 5.68 -43.12
CA ASN B 397 2.97 6.23 -44.19
C ASN B 397 1.62 6.73 -43.67
N ALA B 398 1.04 6.02 -42.70
CA ALA B 398 -0.20 6.48 -42.04
C ALA B 398 0.02 7.82 -41.34
N THR B 399 1.17 7.97 -40.71
CA THR B 399 1.54 9.22 -40.06
C THR B 399 1.65 10.36 -41.07
N LEU B 400 2.29 10.10 -42.20
CA LEU B 400 2.40 11.11 -43.27
C LEU B 400 1.04 11.54 -43.80
N GLN B 401 0.14 10.58 -43.97
CA GLN B 401 -1.22 10.88 -44.41
C GLN B 401 -1.91 11.79 -43.39
N ALA B 402 -1.78 11.46 -42.11
CA ALA B 402 -2.39 12.27 -41.06
C ALA B 402 -1.82 13.70 -41.08
N MET B 403 -0.53 13.82 -41.34
CA MET B 403 0.13 15.13 -41.37
C MET B 403 -0.32 15.96 -42.57
N TYR B 404 -0.18 15.41 -43.77
CA TYR B 404 -0.38 16.20 -44.99
C TYR B 404 -1.82 16.29 -45.45
N GLU B 405 -2.59 15.23 -45.23
CA GLU B 405 -4.00 15.24 -45.64
C GLU B 405 -4.90 15.77 -44.53
N ASP B 406 -4.68 15.33 -43.29
CA ASP B 406 -5.55 15.73 -42.17
C ASP B 406 -4.99 16.88 -41.34
N LYS B 407 -3.77 17.32 -41.65
CA LYS B 407 -3.15 18.48 -41.01
C LYS B 407 -2.89 18.27 -39.51
N CYS B 408 -2.59 17.03 -39.13
CA CYS B 408 -2.18 16.70 -37.77
C CYS B 408 -0.76 17.21 -37.50
N ASN B 409 -0.59 17.88 -36.37
CA ASN B 409 0.66 18.54 -36.02
C ASN B 409 1.70 17.58 -35.41
N VAL B 410 2.09 16.56 -36.16
CA VAL B 410 3.06 15.58 -35.69
C VAL B 410 4.47 16.12 -35.89
N ILE B 411 5.26 16.14 -34.83
CA ILE B 411 6.61 16.72 -34.85
C ILE B 411 7.75 15.70 -34.83
N GLY B 412 7.44 14.44 -34.52
CA GLY B 412 8.48 13.42 -34.51
C GLY B 412 7.95 12.03 -34.30
N TYR B 413 8.85 11.06 -34.44
CA TYR B 413 8.51 9.64 -34.39
C TYR B 413 9.65 8.88 -33.75
N THR B 414 9.30 7.95 -32.87
CA THR B 414 10.26 7.19 -32.07
C THR B 414 10.01 5.70 -32.25
N VAL B 415 11.03 4.97 -32.73
CA VAL B 415 10.89 3.52 -32.88
C VAL B 415 11.18 2.81 -31.55
C VAL B 415 11.19 2.80 -31.56
N TRP B 416 10.26 1.95 -31.15
CA TRP B 416 10.50 0.99 -30.07
C TRP B 416 10.92 -0.29 -30.79
N SER B 417 12.18 -0.74 -30.69
CA SER B 417 13.24 -0.18 -29.85
C SER B 417 14.56 -0.27 -30.60
N LEU B 418 15.53 0.52 -30.15
CA LEU B 418 16.90 0.41 -30.63
C LEU B 418 17.42 -1.02 -30.52
N LEU B 419 17.17 -1.63 -29.36
CA LEU B 419 17.71 -2.94 -29.01
C LEU B 419 16.60 -3.90 -28.63
N ASP B 420 16.78 -5.18 -28.91
CA ASP B 420 15.99 -6.19 -28.22
C ASP B 420 16.14 -5.95 -26.72
N ASN B 421 15.10 -6.28 -25.97
CA ASN B 421 15.13 -6.01 -24.55
C ASN B 421 14.12 -6.89 -23.81
N PHE B 422 14.06 -6.74 -22.49
CA PHE B 422 13.18 -7.56 -21.66
C PHE B 422 11.74 -7.05 -21.78
N GLU B 423 10.92 -7.77 -22.54
CA GLU B 423 9.53 -7.37 -22.79
C GLU B 423 8.61 -7.86 -21.66
N TRP B 424 8.97 -7.46 -20.44
CA TRP B 424 8.12 -7.62 -19.28
C TRP B 424 7.72 -9.08 -19.09
N PHE B 425 6.44 -9.41 -18.95
CA PHE B 425 6.07 -10.81 -18.69
C PHE B 425 6.38 -11.76 -19.86
N TYR B 426 6.63 -11.20 -21.05
CA TYR B 426 7.03 -12.03 -22.20
C TYR B 426 8.54 -12.28 -22.24
N GLY B 427 9.29 -11.66 -21.33
CA GLY B 427 10.73 -11.86 -21.28
C GLY B 427 11.40 -11.45 -22.57
N TYR B 428 12.44 -12.18 -22.95
CA TYR B 428 13.18 -11.86 -24.17
C TYR B 428 12.52 -12.44 -25.42
N SER B 429 11.43 -13.20 -25.24
CA SER B 429 10.82 -13.97 -26.32
C SER B 429 10.24 -13.10 -27.45
N ILE B 430 9.97 -11.84 -27.15
CA ILE B 430 9.47 -10.88 -28.14
C ILE B 430 10.58 -9.87 -28.41
N HIS B 431 10.95 -9.76 -29.69
CA HIS B 431 12.12 -9.00 -30.11
C HIS B 431 11.70 -7.79 -30.92
N PHE B 432 11.79 -6.61 -30.31
CA PHE B 432 11.41 -5.36 -30.97
C PHE B 432 12.59 -4.60 -31.60
N GLY B 433 13.81 -5.11 -31.44
CA GLY B 433 14.99 -4.32 -31.75
C GLY B 433 15.29 -4.14 -33.22
N LEU B 434 15.73 -2.93 -33.57
CA LEU B 434 16.48 -2.73 -34.81
C LEU B 434 17.79 -3.53 -34.76
N VAL B 435 18.27 -3.74 -33.53
CA VAL B 435 19.52 -4.43 -33.26
C VAL B 435 19.22 -5.65 -32.39
N LYS B 436 19.65 -6.81 -32.89
CA LYS B 436 19.56 -8.07 -32.15
C LYS B 436 20.58 -8.10 -31.03
N ILE B 437 20.20 -8.67 -29.90
CA ILE B 437 21.09 -8.87 -28.76
C ILE B 437 21.20 -10.37 -28.50
N ASP B 438 22.42 -10.87 -28.36
CA ASP B 438 22.61 -12.26 -27.99
C ASP B 438 22.55 -12.39 -26.47
N PHE B 439 21.38 -12.74 -25.95
CA PHE B 439 21.18 -12.85 -24.50
C PHE B 439 21.83 -14.07 -23.87
N ASN B 440 22.35 -14.98 -24.70
CA ASN B 440 23.12 -16.14 -24.22
C ASN B 440 24.61 -15.89 -24.16
N ASP B 441 25.04 -14.71 -24.61
CA ASP B 441 26.44 -14.31 -24.66
C ASP B 441 26.69 -13.31 -23.53
C ASP B 441 26.69 -13.31 -23.53
N PRO B 442 27.64 -13.59 -22.64
CA PRO B 442 27.96 -12.65 -21.56
C PRO B 442 28.25 -11.21 -22.02
N GLN B 443 28.79 -11.06 -23.23
CA GLN B 443 29.06 -9.75 -23.82
C GLN B 443 27.84 -9.09 -24.47
N ARG B 444 26.71 -9.80 -24.52
CA ARG B 444 25.45 -9.26 -25.04
C ARG B 444 25.65 -8.60 -26.41
N THR B 445 26.30 -9.33 -27.30
CA THR B 445 26.71 -8.80 -28.59
C THR B 445 25.53 -8.27 -29.40
N ARG B 446 25.74 -7.10 -30.00
CA ARG B 446 24.78 -6.45 -30.88
C ARG B 446 24.99 -6.88 -32.33
N THR B 447 23.89 -7.15 -33.03
CA THR B 447 23.91 -7.41 -34.48
C THR B 447 22.78 -6.65 -35.15
N LYS B 448 23.12 -5.79 -36.10
CA LYS B 448 22.11 -5.00 -36.80
C LYS B 448 21.21 -5.90 -37.65
N ARG B 449 19.90 -5.69 -37.56
CA ARG B 449 18.95 -6.41 -38.39
C ARG B 449 18.68 -5.65 -39.69
N GLU B 450 17.93 -6.27 -40.59
CA GLU B 450 17.51 -5.58 -41.80
C GLU B 450 16.74 -4.29 -41.50
N SER B 451 15.92 -4.30 -40.45
CA SER B 451 15.15 -3.11 -40.08
C SER B 451 16.05 -1.93 -39.71
N TYR B 452 17.24 -2.21 -39.21
CA TYR B 452 18.21 -1.16 -38.89
C TYR B 452 18.54 -0.35 -40.13
N THR B 453 18.90 -1.04 -41.20
CA THR B 453 19.23 -0.39 -42.46
C THR B 453 18.01 0.31 -43.05
N TYR B 454 16.85 -0.33 -42.95
CA TYR B 454 15.61 0.30 -43.41
C TYR B 454 15.40 1.64 -42.71
N PHE B 455 15.44 1.64 -41.38
CA PHE B 455 15.15 2.86 -40.62
C PHE B 455 16.22 3.92 -40.85
N LYS B 456 17.48 3.51 -40.92
CA LYS B 456 18.58 4.43 -41.21
C LYS B 456 18.28 5.21 -42.49
N ASN B 457 17.79 4.51 -43.51
CA ASN B 457 17.48 5.13 -44.80
C ASN B 457 16.26 6.04 -44.75
N VAL B 458 15.25 5.66 -43.96
CA VAL B 458 14.07 6.51 -43.79
C VAL B 458 14.48 7.83 -43.13
N VAL B 459 15.33 7.73 -42.11
CA VAL B 459 15.80 8.92 -41.40
C VAL B 459 16.58 9.85 -42.34
N SER B 460 17.38 9.26 -43.22
CA SER B 460 18.20 10.02 -44.16
C SER B 460 17.38 10.70 -45.27
N THR B 461 16.41 9.98 -45.83
CA THR B 461 15.64 10.45 -47.00
C THR B 461 14.29 11.08 -46.64
N GLY B 462 13.75 10.72 -45.48
CA GLY B 462 12.40 11.13 -45.10
C GLY B 462 11.30 10.34 -45.79
N LYS B 463 11.67 9.30 -46.53
CA LYS B 463 10.72 8.52 -47.32
C LYS B 463 10.60 7.10 -46.78
N PRO B 464 9.44 6.71 -46.25
CA PRO B 464 9.22 5.32 -45.82
C PRO B 464 9.32 4.31 -46.96
C1 GOL C . -2.66 -8.39 22.66
O1 GOL C . -3.74 -7.52 22.40
C2 GOL C . -3.19 -9.83 22.63
O2 GOL C . -3.47 -10.16 21.28
C3 GOL C . -2.17 -10.79 23.25
O3 GOL C . -0.96 -10.75 22.54
C1 GOL D . 2.04 -7.27 23.96
O1 GOL D . 1.60 -6.25 23.10
C2 GOL D . 0.94 -8.32 24.12
O2 GOL D . 0.76 -8.98 22.89
C3 GOL D . 1.30 -9.30 25.23
O3 GOL D . 0.89 -10.61 24.90
C1 GOL E . 6.22 0.11 -23.45
O1 GOL E . 6.32 1.43 -22.96
C2 GOL E . 7.61 -0.48 -23.61
O2 GOL E . 8.14 -0.72 -22.32
C3 GOL E . 7.53 -1.75 -24.44
O3 GOL E . 6.77 -2.73 -23.78
C1 GOL F . 2.17 -2.22 -24.93
O1 GOL F . 1.73 -1.34 -23.92
C2 GOL F . 3.68 -2.13 -25.04
O2 GOL F . 4.25 -2.71 -23.87
C3 GOL F . 4.19 -2.84 -26.29
O3 GOL F . 4.17 -4.24 -26.12
C1 GOL G . -8.99 -8.75 -29.04
O1 GOL G . -9.98 -8.72 -30.04
C2 GOL G . -7.89 -9.75 -29.43
O2 GOL G . -7.60 -9.64 -30.80
C3 GOL G . -6.59 -9.61 -28.62
O3 GOL G . -6.55 -8.44 -27.83
#